data_1TIV
#
_entry.id   1TIV
#
_cell.length_a   1.000
_cell.length_b   1.000
_cell.length_c   1.000
_cell.angle_alpha   90.00
_cell.angle_beta   90.00
_cell.angle_gamma   90.00
#
_symmetry.space_group_name_H-M   'P 1'
#
_entity_poly.entity_id   1
_entity_poly.type   'polypeptide(L)'
_entity_poly.pdbx_seq_one_letter_code
;MDPVDPNIEPWNHPGSQPKTACNRCHCKKCCYHCQVCFIKKGLGISYGRKKRRQRRRPSQGGQTHQDPIPKQPSSQPRGD
PTGPKE
;
_entity_poly.pdbx_strand_id   A
#
# COMPACT_ATOMS: atom_id res chain seq x y z
N MET A 1 1.48 -1.06 7.53
CA MET A 1 2.61 -1.99 7.20
C MET A 1 3.96 -1.24 7.33
N ASP A 2 4.18 -0.22 6.47
CA ASP A 2 5.44 0.64 6.44
C ASP A 2 6.28 0.40 5.15
N PRO A 3 6.73 -0.83 4.89
CA PRO A 3 7.59 -1.11 3.69
C PRO A 3 6.79 -1.07 2.37
N VAL A 4 7.43 -1.45 1.27
CA VAL A 4 6.79 -1.41 -0.12
C VAL A 4 6.43 0.03 -0.52
N ASP A 5 7.03 0.99 0.11
CA ASP A 5 6.72 2.40 -0.19
C ASP A 5 7.29 2.95 -1.54
N PRO A 6 8.29 2.32 -2.18
CA PRO A 6 8.70 2.74 -3.53
C PRO A 6 7.71 1.99 -4.49
N ASN A 7 6.42 2.21 -4.27
CA ASN A 7 5.35 1.52 -5.00
C ASN A 7 4.40 2.52 -5.66
N ILE A 8 3.67 3.21 -4.78
CA ILE A 8 2.53 4.10 -5.12
C ILE A 8 2.56 4.65 -6.53
N GLU A 9 2.01 3.83 -7.39
CA GLU A 9 1.85 4.09 -8.84
C GLU A 9 0.65 3.22 -9.28
N PRO A 10 0.78 1.88 -9.17
CA PRO A 10 -0.36 0.98 -9.44
C PRO A 10 -1.41 1.08 -8.29
N TRP A 11 -1.03 1.47 -7.05
CA TRP A 11 -2.06 1.61 -5.96
C TRP A 11 -2.57 3.08 -5.84
N ASN A 12 -1.73 4.10 -6.06
CA ASN A 12 -2.23 5.52 -5.95
C ASN A 12 -1.41 6.52 -6.79
N HIS A 13 -0.22 6.95 -6.34
CA HIS A 13 0.63 7.97 -7.10
C HIS A 13 -0.06 9.37 -7.00
N PRO A 14 0.70 10.47 -7.06
CA PRO A 14 0.10 11.83 -6.98
C PRO A 14 -0.48 12.23 -8.38
N GLY A 15 -1.55 11.58 -8.78
CA GLY A 15 -2.19 11.83 -10.12
C GLY A 15 -3.02 13.13 -10.12
N SER A 16 -2.76 14.00 -11.06
CA SER A 16 -3.53 15.30 -11.17
C SER A 16 -3.77 15.63 -12.66
N GLN A 17 -4.98 15.44 -13.14
CA GLN A 17 -5.31 15.71 -14.59
C GLN A 17 -6.81 16.01 -14.78
N PRO A 18 -7.16 16.70 -15.88
CA PRO A 18 -8.57 17.01 -16.20
C PRO A 18 -9.25 15.73 -16.77
N LYS A 19 -9.98 15.01 -15.95
CA LYS A 19 -10.65 13.72 -16.38
C LYS A 19 -9.53 12.68 -16.67
N THR A 20 -9.57 11.93 -17.79
CA THR A 20 -8.48 10.93 -18.11
C THR A 20 -8.40 9.84 -17.00
N ALA A 21 -9.41 8.99 -16.91
CA ALA A 21 -9.45 7.92 -15.86
C ALA A 21 -9.31 6.52 -16.50
N CYS A 22 -8.49 5.68 -15.90
CA CYS A 22 -8.29 4.28 -16.42
C CYS A 22 -8.32 3.28 -15.23
N ASN A 23 -9.50 3.05 -14.69
CA ASN A 23 -9.65 2.11 -13.52
C ASN A 23 -9.91 0.67 -14.00
N ARG A 24 -9.57 -0.32 -13.18
CA ARG A 24 -9.78 -1.75 -13.57
C ARG A 24 -10.60 -2.47 -12.48
N CYS A 25 -11.74 -3.03 -12.85
CA CYS A 25 -12.63 -3.75 -11.86
C CYS A 25 -13.57 -4.72 -12.62
N HIS A 26 -14.16 -5.67 -11.91
CA HIS A 26 -15.09 -6.65 -12.56
C HIS A 26 -16.31 -6.93 -11.65
N CYS A 27 -16.13 -7.68 -10.56
CA CYS A 27 -17.27 -7.98 -9.62
C CYS A 27 -17.08 -7.21 -8.32
N LYS A 28 -18.14 -6.60 -7.81
CA LYS A 28 -18.05 -5.81 -6.52
C LYS A 28 -18.56 -6.67 -5.33
N LYS A 29 -17.65 -7.38 -4.70
CA LYS A 29 -18.01 -8.25 -3.52
C LYS A 29 -16.86 -8.14 -2.50
N CYS A 30 -17.01 -7.28 -1.49
CA CYS A 30 -15.92 -7.05 -0.47
C CYS A 30 -14.65 -6.58 -1.23
N CYS A 31 -14.71 -5.39 -1.80
CA CYS A 31 -13.57 -4.83 -2.63
C CYS A 31 -12.35 -4.46 -1.74
N TYR A 32 -11.69 -5.46 -1.19
CA TYR A 32 -10.47 -5.22 -0.36
C TYR A 32 -9.27 -5.32 -1.32
N HIS A 33 -8.96 -4.21 -1.99
CA HIS A 33 -7.85 -4.18 -3.00
C HIS A 33 -8.25 -5.07 -4.22
N CYS A 34 -9.27 -4.65 -4.92
CA CYS A 34 -9.75 -5.38 -6.14
C CYS A 34 -9.23 -4.67 -7.42
N GLN A 35 -8.70 -3.45 -7.29
CA GLN A 35 -8.19 -2.67 -8.48
C GLN A 35 -6.64 -2.81 -8.53
N VAL A 36 -5.86 -1.73 -8.37
CA VAL A 36 -4.34 -1.80 -8.39
C VAL A 36 -3.78 -2.25 -9.77
N CYS A 37 -2.47 -2.33 -9.87
CA CYS A 37 -1.80 -2.76 -11.13
C CYS A 37 -0.47 -3.51 -10.83
N PHE A 38 -0.42 -4.28 -9.75
CA PHE A 38 0.82 -5.08 -9.39
C PHE A 38 0.39 -6.49 -8.88
N ILE A 39 0.98 -7.03 -7.80
CA ILE A 39 0.54 -8.38 -7.31
C ILE A 39 -0.81 -8.22 -6.59
N LYS A 40 -1.90 -8.50 -7.26
CA LYS A 40 -3.24 -8.39 -6.60
C LYS A 40 -3.70 -9.80 -6.13
N LYS A 41 -2.76 -10.66 -5.73
CA LYS A 41 -3.15 -12.05 -5.26
C LYS A 41 -3.47 -12.09 -3.75
N GLY A 42 -3.10 -11.08 -2.97
CA GLY A 42 -3.38 -11.09 -1.49
C GLY A 42 -2.25 -11.80 -0.72
N LEU A 43 -1.69 -12.90 -1.27
CA LEU A 43 -0.56 -13.72 -0.63
C LEU A 43 -0.14 -13.23 0.78
N GLY A 44 0.94 -12.48 0.92
CA GLY A 44 1.38 -11.94 2.22
C GLY A 44 0.29 -11.02 2.77
N ILE A 45 0.02 -9.96 2.03
CA ILE A 45 -1.07 -8.98 2.41
C ILE A 45 -1.82 -8.58 1.12
N SER A 46 -1.09 -8.23 0.05
CA SER A 46 -1.68 -7.81 -1.27
C SER A 46 -0.59 -7.20 -2.20
N TYR A 47 0.61 -7.77 -2.20
CA TYR A 47 1.73 -7.26 -3.07
C TYR A 47 2.71 -8.43 -3.36
N GLY A 48 3.93 -8.15 -3.75
CA GLY A 48 4.93 -9.23 -4.07
C GLY A 48 5.17 -10.22 -2.90
N ARG A 49 4.82 -9.87 -1.67
CA ARG A 49 5.04 -10.79 -0.48
C ARG A 49 4.47 -10.16 0.82
N LYS A 50 5.26 -10.07 1.91
CA LYS A 50 4.81 -9.45 3.21
C LYS A 50 5.91 -9.69 4.27
N LYS A 51 6.16 -8.71 5.12
CA LYS A 51 7.17 -8.88 6.22
C LYS A 51 6.50 -9.67 7.38
N ARG A 52 7.19 -9.93 8.48
CA ARG A 52 6.56 -10.68 9.62
C ARG A 52 5.68 -9.72 10.47
N ARG A 53 4.64 -9.16 9.84
CA ARG A 53 3.69 -8.22 10.51
C ARG A 53 2.27 -8.50 9.99
N GLN A 54 1.25 -8.34 10.83
CA GLN A 54 -0.16 -8.60 10.38
C GLN A 54 -1.08 -7.48 10.88
N ARG A 55 -1.40 -6.53 10.01
CA ARG A 55 -2.31 -5.41 10.40
C ARG A 55 -3.65 -5.55 9.65
N ARG A 56 -4.53 -6.41 10.15
CA ARG A 56 -5.87 -6.60 9.48
C ARG A 56 -6.97 -6.73 10.55
N ARG A 57 -7.91 -5.80 10.53
CA ARG A 57 -9.04 -5.79 11.53
C ARG A 57 -10.21 -4.93 10.97
N PRO A 58 -11.36 -4.92 11.66
CA PRO A 58 -12.52 -4.10 11.22
C PRO A 58 -12.20 -2.60 11.40
N SER A 59 -11.65 -2.00 10.36
CA SER A 59 -11.24 -0.55 10.39
C SER A 59 -10.87 -0.05 8.98
N GLN A 60 -10.07 -0.80 8.24
CA GLN A 60 -9.68 -0.38 6.84
C GLN A 60 -10.79 -0.70 5.83
N GLY A 61 -10.73 -0.08 4.67
CA GLY A 61 -11.79 -0.30 3.62
C GLY A 61 -11.20 -0.90 2.32
N GLY A 62 -9.98 -0.52 1.90
CA GLY A 62 -9.44 -1.08 0.61
C GLY A 62 -8.16 -1.91 0.79
N GLN A 63 -8.08 -2.76 1.82
CA GLN A 63 -6.84 -3.62 2.03
C GLN A 63 -5.62 -2.70 2.21
N THR A 64 -5.72 -1.70 3.07
CA THR A 64 -4.61 -0.70 3.28
C THR A 64 -4.12 -0.20 1.91
N HIS A 65 -5.06 0.18 1.07
CA HIS A 65 -4.76 0.67 -0.32
C HIS A 65 -3.61 1.71 -0.35
N GLN A 66 -3.56 2.59 0.64
CA GLN A 66 -2.49 3.63 0.68
C GLN A 66 -1.44 3.32 1.78
N ASP A 67 -0.97 2.11 1.85
CA ASP A 67 0.08 1.76 2.84
C ASP A 67 1.53 1.97 2.29
N PRO A 68 1.78 1.98 0.96
CA PRO A 68 3.17 2.22 0.42
C PRO A 68 3.60 3.72 0.48
N ILE A 69 3.06 4.49 1.38
CA ILE A 69 3.46 5.94 1.54
C ILE A 69 4.85 6.01 2.24
N PRO A 70 5.44 7.20 2.39
CA PRO A 70 6.81 7.31 2.98
C PRO A 70 6.81 6.96 4.48
N LYS A 71 7.05 5.69 4.79
CA LYS A 71 7.07 5.16 6.20
C LYS A 71 5.65 5.24 6.83
N GLN A 72 5.53 5.40 8.14
CA GLN A 72 4.15 5.45 8.77
C GLN A 72 3.81 6.80 9.48
N PRO A 73 3.94 7.93 8.76
CA PRO A 73 3.55 9.26 9.31
C PRO A 73 2.01 9.43 9.20
N SER A 74 1.45 9.14 8.03
CA SER A 74 -0.04 9.23 7.81
C SER A 74 -0.41 8.51 6.49
N SER A 75 -0.34 9.19 5.34
CA SER A 75 -0.66 8.55 4.01
C SER A 75 -0.36 9.55 2.84
N GLN A 76 -0.82 9.26 1.63
CA GLN A 76 -0.58 10.19 0.46
C GLN A 76 -1.88 11.03 0.24
N PRO A 77 -1.78 12.35 0.28
CA PRO A 77 -2.96 13.25 0.12
C PRO A 77 -3.40 13.39 -1.36
N ARG A 78 -3.88 12.30 -1.96
CA ARG A 78 -4.32 12.34 -3.39
C ARG A 78 -5.78 11.85 -3.55
N GLY A 79 -6.15 10.71 -2.98
CA GLY A 79 -7.57 10.18 -3.13
C GLY A 79 -7.96 9.20 -2.01
N ASP A 80 -7.06 8.31 -1.61
CA ASP A 80 -7.35 7.30 -0.52
C ASP A 80 -7.93 7.98 0.77
N PRO A 81 -8.87 7.31 1.43
CA PRO A 81 -9.53 7.84 2.67
C PRO A 81 -8.75 7.52 3.99
N THR A 82 -7.44 7.35 3.98
CA THR A 82 -6.69 7.08 5.25
C THR A 82 -5.79 8.29 5.57
N GLY A 83 -4.64 8.09 6.19
CA GLY A 83 -3.74 9.22 6.59
C GLY A 83 -3.76 9.29 8.12
N PRO A 84 -4.78 9.93 8.68
CA PRO A 84 -5.01 10.00 10.13
C PRO A 84 -6.08 8.91 10.37
N LYS A 85 -5.79 7.71 9.88
CA LYS A 85 -6.81 6.62 9.85
C LYS A 85 -6.15 5.23 9.64
N GLU A 86 -5.24 5.11 8.66
CA GLU A 86 -4.54 3.82 8.29
C GLU A 86 -5.53 2.66 7.91
N MET A 1 8.26 -9.09 11.50
CA MET A 1 9.26 -8.48 10.55
C MET A 1 9.02 -9.03 9.13
N ASP A 2 8.58 -8.19 8.22
CA ASP A 2 8.27 -8.65 6.81
C ASP A 2 8.99 -7.75 5.76
N PRO A 3 8.96 -8.15 4.49
CA PRO A 3 9.59 -7.40 3.39
C PRO A 3 8.67 -6.23 3.00
N VAL A 4 9.14 -5.01 3.13
CA VAL A 4 8.37 -3.74 2.84
C VAL A 4 7.33 -3.49 3.93
N ASP A 5 6.35 -4.42 4.09
CA ASP A 5 5.18 -4.36 5.04
C ASP A 5 3.90 -4.63 4.15
N PRO A 6 2.69 -4.22 4.52
CA PRO A 6 1.51 -4.40 3.63
C PRO A 6 1.41 -3.19 2.65
N ASN A 7 2.51 -2.46 2.43
CA ASN A 7 2.50 -1.26 1.59
C ASN A 7 3.94 -0.86 1.15
N ILE A 8 4.35 0.37 1.48
CA ILE A 8 5.65 0.94 1.18
C ILE A 8 6.10 0.55 -0.25
N GLU A 9 5.18 0.81 -1.21
CA GLU A 9 5.39 0.49 -2.67
C GLU A 9 4.04 0.56 -3.47
N PRO A 10 3.04 -0.27 -3.12
CA PRO A 10 1.73 -0.31 -3.84
C PRO A 10 0.87 0.94 -3.59
N TRP A 11 0.65 1.36 -2.35
CA TRP A 11 -0.19 2.61 -2.15
C TRP A 11 0.65 3.85 -2.51
N ASN A 12 1.96 3.78 -2.24
CA ASN A 12 2.90 4.92 -2.55
C ASN A 12 4.33 4.56 -2.07
N HIS A 13 5.30 5.28 -2.55
CA HIS A 13 6.74 5.06 -2.16
C HIS A 13 7.33 6.45 -1.72
N PRO A 14 8.64 6.58 -1.48
CA PRO A 14 9.23 7.88 -1.07
C PRO A 14 9.34 8.84 -2.30
N GLY A 15 8.25 9.49 -2.64
CA GLY A 15 8.22 10.43 -3.82
C GLY A 15 7.01 10.11 -4.72
N SER A 16 5.81 10.45 -4.28
CA SER A 16 4.58 10.17 -5.09
C SER A 16 3.89 11.49 -5.50
N GLN A 17 3.47 11.61 -6.75
CA GLN A 17 2.78 12.88 -7.21
C GLN A 17 1.24 12.65 -7.29
N PRO A 18 0.47 13.74 -7.17
CA PRO A 18 -1.01 13.69 -7.25
C PRO A 18 -1.47 13.62 -8.74
N LYS A 19 -1.13 12.54 -9.43
CA LYS A 19 -1.52 12.38 -10.88
C LYS A 19 -1.90 10.91 -11.17
N THR A 20 -0.96 9.97 -10.98
CA THR A 20 -1.25 8.52 -11.24
C THR A 20 -2.33 8.04 -10.26
N ALA A 21 -3.56 7.82 -10.75
CA ALA A 21 -4.73 7.38 -9.89
C ALA A 21 -5.23 8.58 -9.04
N CYS A 22 -4.40 9.12 -8.15
CA CYS A 22 -4.77 10.30 -7.28
C CYS A 22 -5.83 9.92 -6.22
N ASN A 23 -7.05 9.60 -6.63
CA ASN A 23 -8.13 9.22 -5.64
C ASN A 23 -9.15 8.25 -6.29
N ARG A 24 -9.62 7.28 -5.53
CA ARG A 24 -10.65 6.31 -6.07
C ARG A 24 -12.03 6.69 -5.49
N CYS A 25 -12.58 7.82 -5.94
CA CYS A 25 -13.91 8.29 -5.42
C CYS A 25 -15.06 7.54 -6.12
N HIS A 26 -15.62 6.53 -5.46
CA HIS A 26 -16.75 5.75 -6.03
C HIS A 26 -17.61 5.15 -4.89
N CYS A 27 -18.82 5.66 -4.71
CA CYS A 27 -19.75 5.16 -3.62
C CYS A 27 -19.14 5.46 -2.21
N LYS A 28 -19.80 5.06 -1.14
CA LYS A 28 -19.25 5.31 0.25
C LYS A 28 -18.25 4.19 0.64
N LYS A 29 -17.16 4.06 -0.10
CA LYS A 29 -16.15 2.99 0.20
C LYS A 29 -14.73 3.58 0.07
N CYS A 30 -14.29 3.91 -1.15
CA CYS A 30 -12.90 4.49 -1.38
C CYS A 30 -11.82 3.51 -0.83
N CYS A 31 -10.56 3.96 -0.68
CA CYS A 31 -9.46 3.06 -0.13
C CYS A 31 -9.35 1.75 -1.00
N TYR A 32 -9.75 0.58 -0.49
CA TYR A 32 -9.75 -0.71 -1.29
C TYR A 32 -8.34 -1.15 -1.80
N HIS A 33 -7.63 -2.00 -1.07
CA HIS A 33 -6.32 -2.54 -1.60
C HIS A 33 -6.64 -3.81 -2.44
N CYS A 34 -5.64 -4.59 -2.89
CA CYS A 34 -5.89 -5.78 -3.80
C CYS A 34 -6.10 -5.22 -5.23
N GLN A 35 -6.96 -4.21 -5.37
CA GLN A 35 -7.20 -3.54 -6.69
C GLN A 35 -6.31 -2.28 -6.79
N VAL A 36 -5.00 -2.47 -6.70
CA VAL A 36 -4.01 -1.34 -6.76
C VAL A 36 -3.22 -1.44 -8.10
N CYS A 37 -2.46 -0.43 -8.49
CA CYS A 37 -1.70 -0.46 -9.80
C CYS A 37 -0.45 -1.41 -9.76
N PHE A 38 -0.64 -2.67 -9.39
CA PHE A 38 0.49 -3.67 -9.36
C PHE A 38 -0.07 -5.08 -9.03
N ILE A 39 0.79 -6.01 -8.66
CA ILE A 39 0.39 -7.43 -8.31
C ILE A 39 -0.87 -7.49 -7.38
N LYS A 40 -1.73 -8.48 -7.57
CA LYS A 40 -2.97 -8.63 -6.71
C LYS A 40 -2.73 -9.69 -5.61
N LYS A 41 -2.44 -10.94 -5.99
CA LYS A 41 -2.17 -12.07 -5.02
C LYS A 41 -3.11 -12.03 -3.76
N GLY A 42 -2.64 -11.58 -2.60
CA GLY A 42 -3.47 -11.51 -1.35
C GLY A 42 -2.64 -11.99 -0.13
N LEU A 43 -2.18 -13.23 -0.16
CA LEU A 43 -1.28 -13.87 0.93
C LEU A 43 -0.68 -12.87 2.00
N GLY A 44 0.60 -12.47 1.87
CA GLY A 44 1.27 -11.53 2.82
C GLY A 44 0.44 -10.26 3.07
N ILE A 45 -0.14 -9.75 2.00
CA ILE A 45 -0.98 -8.51 2.03
C ILE A 45 -1.74 -8.44 0.68
N SER A 46 -1.01 -8.65 -0.44
CA SER A 46 -1.59 -8.63 -1.84
C SER A 46 -0.43 -8.41 -2.85
N TYR A 47 0.58 -9.29 -2.86
CA TYR A 47 1.74 -9.05 -3.81
C TYR A 47 2.77 -10.22 -3.94
N GLY A 48 2.51 -11.41 -3.47
CA GLY A 48 3.51 -12.54 -3.61
C GLY A 48 4.54 -12.55 -2.46
N ARG A 49 5.04 -11.39 -2.06
CA ARG A 49 6.05 -11.30 -0.95
C ARG A 49 5.44 -11.73 0.41
N LYS A 50 6.23 -11.60 1.47
CA LYS A 50 5.78 -11.95 2.86
C LYS A 50 5.72 -13.49 3.05
N LYS A 51 6.78 -14.18 2.70
CA LYS A 51 6.83 -15.69 2.89
C LYS A 51 7.31 -15.97 4.34
N ARG A 52 6.55 -15.48 5.31
CA ARG A 52 6.90 -15.67 6.76
C ARG A 52 5.63 -16.05 7.53
N ARG A 53 5.71 -17.06 8.37
CA ARG A 53 4.52 -17.53 9.20
C ARG A 53 3.84 -16.34 9.90
N GLN A 54 2.53 -16.22 9.74
CA GLN A 54 1.77 -15.09 10.37
C GLN A 54 0.38 -15.57 10.83
N ARG A 55 -0.02 -15.23 12.04
CA ARG A 55 -1.36 -15.66 12.57
C ARG A 55 -2.23 -14.39 12.80
N ARG A 56 -2.62 -13.75 11.71
CA ARG A 56 -3.46 -12.50 11.79
C ARG A 56 -4.42 -12.41 10.59
N ARG A 57 -5.44 -11.57 10.68
CA ARG A 57 -6.42 -11.41 9.54
C ARG A 57 -5.84 -10.44 8.49
N PRO A 58 -6.45 -10.39 7.30
CA PRO A 58 -6.02 -9.46 6.23
C PRO A 58 -6.51 -8.03 6.55
N SER A 59 -5.84 -7.37 7.48
CA SER A 59 -6.22 -5.97 7.92
C SER A 59 -7.62 -5.98 8.60
N GLN A 60 -8.18 -4.82 8.89
CA GLN A 60 -9.54 -4.75 9.56
C GLN A 60 -10.42 -3.66 8.89
N GLY A 61 -10.23 -3.34 7.62
CA GLY A 61 -11.08 -2.30 6.95
C GLY A 61 -10.65 -2.07 5.49
N GLY A 62 -10.07 -0.92 5.21
CA GLY A 62 -9.62 -0.57 3.81
C GLY A 62 -8.32 -1.30 3.35
N GLN A 63 -7.70 -2.15 4.17
CA GLN A 63 -6.44 -2.90 3.80
C GLN A 63 -5.18 -1.99 3.90
N THR A 64 -5.04 -1.28 5.01
CA THR A 64 -3.84 -0.37 5.28
C THR A 64 -3.40 0.35 4.00
N HIS A 65 -4.20 1.28 3.57
CA HIS A 65 -3.93 2.00 2.31
C HIS A 65 -3.06 3.29 2.53
N GLN A 66 -3.00 3.81 3.74
CA GLN A 66 -2.22 5.08 3.98
C GLN A 66 -1.41 5.09 5.30
N ASP A 67 -1.71 4.24 6.24
CA ASP A 67 -0.96 4.20 7.52
C ASP A 67 0.50 3.67 7.31
N PRO A 68 0.69 2.61 6.51
CA PRO A 68 2.03 2.03 6.24
C PRO A 68 2.74 2.73 5.06
N ILE A 69 3.12 3.94 5.25
CA ILE A 69 3.80 4.75 4.16
C ILE A 69 5.18 5.31 4.63
N PRO A 70 5.95 5.92 3.71
CA PRO A 70 7.29 6.45 4.01
C PRO A 70 7.24 7.88 4.61
N LYS A 71 7.60 8.01 5.88
CA LYS A 71 7.60 9.35 6.61
C LYS A 71 6.17 9.90 6.70
N GLN A 72 5.49 9.66 7.81
CA GLN A 72 4.07 10.13 7.97
C GLN A 72 3.59 10.08 9.45
N PRO A 73 2.43 10.66 9.73
CA PRO A 73 1.81 10.60 11.08
C PRO A 73 1.02 9.26 11.22
N SER A 74 1.69 8.14 10.99
CA SER A 74 1.06 6.78 11.07
C SER A 74 2.13 5.78 11.60
N SER A 75 2.34 4.56 11.05
CA SER A 75 3.43 3.64 11.64
C SER A 75 3.56 2.23 10.94
N GLN A 76 3.69 2.16 9.60
CA GLN A 76 3.88 0.82 8.86
C GLN A 76 3.15 -0.40 9.55
N PRO A 77 1.87 -0.25 9.89
CA PRO A 77 1.16 -1.33 10.58
C PRO A 77 0.57 -2.32 9.56
N ARG A 78 -0.47 -3.02 9.92
CA ARG A 78 -1.09 -4.03 9.03
C ARG A 78 -2.64 -3.96 9.07
N GLY A 79 -3.23 -2.86 9.54
CA GLY A 79 -4.73 -2.75 9.61
C GLY A 79 -5.25 -1.70 8.61
N ASP A 80 -5.24 -0.42 8.98
CA ASP A 80 -5.79 0.63 8.07
C ASP A 80 -5.22 2.05 8.39
N PRO A 81 -5.42 3.01 7.47
CA PRO A 81 -4.96 4.40 7.64
C PRO A 81 -5.97 5.14 8.51
N THR A 82 -5.86 4.96 9.80
CA THR A 82 -6.82 5.60 10.74
C THR A 82 -6.05 6.38 11.84
N GLY A 83 -4.94 7.00 11.47
CA GLY A 83 -4.11 7.80 12.42
C GLY A 83 -3.04 6.92 13.10
N PRO A 84 -3.16 6.71 14.41
CA PRO A 84 -2.22 5.89 15.19
C PRO A 84 -2.99 4.58 15.50
N LYS A 85 -3.73 4.07 14.52
CA LYS A 85 -4.62 2.91 14.76
C LYS A 85 -4.30 1.75 13.80
N GLU A 86 -3.05 1.33 13.87
CA GLU A 86 -2.44 0.16 13.10
C GLU A 86 -3.36 -0.47 12.02
N MET A 1 9.82 -0.91 8.63
CA MET A 1 8.86 -0.83 7.46
C MET A 1 9.38 -1.70 6.29
N ASP A 2 8.49 -2.19 5.46
CA ASP A 2 8.91 -3.03 4.28
C ASP A 2 9.45 -2.13 3.13
N PRO A 3 10.11 -2.74 2.13
CA PRO A 3 10.67 -2.00 0.98
C PRO A 3 9.55 -1.54 0.01
N VAL A 4 9.09 -0.32 0.17
CA VAL A 4 7.98 0.22 -0.70
C VAL A 4 8.06 1.74 -0.80
N ASP A 5 7.63 2.41 0.24
CA ASP A 5 7.55 3.91 0.33
C ASP A 5 6.63 4.24 1.55
N PRO A 6 6.41 5.52 1.77
CA PRO A 6 5.35 6.02 2.67
C PRO A 6 4.27 6.05 1.56
N ASN A 7 3.89 4.82 1.20
CA ASN A 7 3.20 4.55 -0.08
C ASN A 7 1.71 4.73 -0.20
N ILE A 8 1.29 4.37 -1.42
CA ILE A 8 -0.06 4.66 -1.94
C ILE A 8 -0.30 4.06 -3.36
N GLU A 9 0.68 4.15 -4.26
CA GLU A 9 0.48 3.69 -5.69
C GLU A 9 0.97 2.21 -5.93
N PRO A 10 1.81 1.85 -6.97
CA PRO A 10 2.22 0.41 -7.19
C PRO A 10 3.25 -0.12 -6.15
N TRP A 11 3.05 0.18 -4.88
CA TRP A 11 3.96 -0.31 -3.78
C TRP A 11 5.45 -0.04 -4.10
N ASN A 12 5.77 1.17 -4.51
CA ASN A 12 7.18 1.57 -4.84
C ASN A 12 7.29 3.10 -4.74
N HIS A 13 6.32 3.81 -5.29
CA HIS A 13 6.29 5.31 -5.25
C HIS A 13 5.03 5.84 -5.97
N PRO A 14 4.65 7.08 -5.70
CA PRO A 14 3.46 7.70 -6.34
C PRO A 14 3.75 8.05 -7.82
N GLY A 15 2.85 7.67 -8.72
CA GLY A 15 3.05 7.94 -10.17
C GLY A 15 2.18 9.13 -10.64
N SER A 16 0.94 8.87 -11.00
CA SER A 16 0.02 9.97 -11.48
C SER A 16 -1.44 9.48 -11.55
N GLN A 17 -2.31 10.18 -12.29
CA GLN A 17 -3.75 9.77 -12.40
C GLN A 17 -4.07 9.28 -13.83
N PRO A 18 -4.12 7.96 -14.02
CA PRO A 18 -4.43 7.35 -15.34
C PRO A 18 -5.95 7.39 -15.67
N LYS A 19 -6.83 7.40 -14.67
CA LYS A 19 -8.31 7.43 -14.92
C LYS A 19 -9.00 8.36 -13.90
N THR A 20 -9.85 9.26 -14.38
CA THR A 20 -10.58 10.21 -13.48
C THR A 20 -11.87 9.56 -12.94
N ALA A 21 -11.75 8.74 -11.91
CA ALA A 21 -12.96 8.05 -11.31
C ALA A 21 -13.45 8.84 -10.09
N CYS A 22 -12.63 8.94 -9.04
CA CYS A 22 -13.02 9.69 -7.77
C CYS A 22 -14.37 9.21 -7.20
N ASN A 23 -14.64 7.91 -7.22
CA ASN A 23 -15.93 7.37 -6.66
C ASN A 23 -15.74 5.92 -6.17
N ARG A 24 -15.97 5.68 -4.90
CA ARG A 24 -15.79 4.28 -4.33
C ARG A 24 -16.48 4.15 -2.94
N CYS A 25 -17.64 4.77 -2.75
CA CYS A 25 -18.34 4.70 -1.41
C CYS A 25 -19.62 3.85 -1.50
N HIS A 26 -20.65 4.32 -2.17
CA HIS A 26 -21.95 3.54 -2.25
C HIS A 26 -22.20 3.09 -3.71
N CYS A 27 -21.66 1.94 -4.07
CA CYS A 27 -21.84 1.38 -5.46
C CYS A 27 -21.28 -0.06 -5.50
N LYS A 28 -21.40 -0.75 -6.63
CA LYS A 28 -20.85 -2.16 -6.73
C LYS A 28 -19.32 -2.13 -7.08
N LYS A 29 -18.55 -1.35 -6.32
CA LYS A 29 -17.07 -1.23 -6.55
C LYS A 29 -16.44 -0.47 -5.34
N CYS A 30 -16.27 -1.14 -4.22
CA CYS A 30 -15.67 -0.49 -2.99
C CYS A 30 -14.20 -0.08 -3.26
N CYS A 31 -13.40 -0.96 -3.85
CA CYS A 31 -11.96 -0.64 -4.18
C CYS A 31 -11.15 -0.22 -2.92
N TYR A 32 -10.73 -1.19 -2.12
CA TYR A 32 -9.91 -0.89 -0.89
C TYR A 32 -8.44 -1.25 -1.19
N HIS A 33 -8.15 -2.54 -1.36
CA HIS A 33 -6.76 -2.96 -1.70
C HIS A 33 -6.80 -4.26 -2.56
N CYS A 34 -5.67 -4.97 -2.73
CA CYS A 34 -5.59 -6.18 -3.61
C CYS A 34 -5.58 -5.75 -5.12
N GLN A 35 -5.77 -4.45 -5.43
CA GLN A 35 -5.76 -3.98 -6.86
C GLN A 35 -5.10 -2.57 -6.95
N VAL A 36 -4.05 -2.32 -6.18
CA VAL A 36 -3.35 -0.98 -6.21
C VAL A 36 -2.23 -0.95 -7.30
N CYS A 37 -2.50 -1.53 -8.49
CA CYS A 37 -1.49 -1.55 -9.63
C CYS A 37 -0.24 -2.36 -9.21
N PHE A 38 -0.38 -3.66 -9.04
CA PHE A 38 0.77 -4.54 -8.60
C PHE A 38 0.38 -6.05 -8.67
N ILE A 39 0.77 -6.86 -7.69
CA ILE A 39 0.39 -8.31 -7.67
C ILE A 39 -0.98 -8.40 -6.97
N LYS A 40 -2.02 -8.70 -7.71
CA LYS A 40 -3.39 -8.79 -7.10
C LYS A 40 -3.66 -10.24 -6.56
N LYS A 41 -2.72 -10.82 -5.81
CA LYS A 41 -2.95 -12.22 -5.27
C LYS A 41 -3.32 -12.23 -3.76
N GLY A 42 -2.97 -11.19 -3.00
CA GLY A 42 -3.30 -11.15 -1.51
C GLY A 42 -2.60 -12.27 -0.70
N LEU A 43 -1.55 -12.87 -1.23
CA LEU A 43 -0.80 -13.96 -0.51
C LEU A 43 -0.23 -13.49 0.86
N GLY A 44 0.18 -12.25 0.94
CA GLY A 44 0.75 -11.69 2.18
C GLY A 44 -0.14 -10.49 2.53
N ILE A 45 0.41 -9.30 2.48
CA ILE A 45 -0.44 -8.08 2.68
C ILE A 45 -1.25 -7.85 1.35
N SER A 46 -0.80 -8.47 0.23
CA SER A 46 -1.40 -8.38 -1.16
C SER A 46 -0.41 -7.65 -2.07
N TYR A 47 0.67 -8.30 -2.46
CA TYR A 47 1.70 -7.62 -3.35
C TYR A 47 2.84 -8.60 -3.77
N GLY A 48 2.55 -9.87 -3.97
CA GLY A 48 3.63 -10.85 -4.35
C GLY A 48 4.42 -11.22 -3.11
N ARG A 49 5.17 -10.25 -2.58
CA ARG A 49 6.04 -10.34 -1.34
C ARG A 49 7.49 -9.97 -1.73
N LYS A 50 7.73 -8.68 -1.98
CA LYS A 50 9.11 -8.20 -2.36
C LYS A 50 10.01 -8.02 -1.11
N LYS A 51 10.11 -9.04 -0.27
CA LYS A 51 10.96 -8.98 0.97
C LYS A 51 11.32 -10.41 1.40
N ARG A 52 12.60 -10.67 1.68
CA ARG A 52 13.07 -12.03 2.10
C ARG A 52 12.21 -12.58 3.26
N ARG A 53 11.43 -13.64 3.00
CA ARG A 53 10.50 -14.32 4.00
C ARG A 53 10.17 -13.42 5.24
N GLN A 54 10.88 -13.60 6.37
CA GLN A 54 10.69 -12.80 7.66
C GLN A 54 9.27 -12.20 7.81
N ARG A 55 8.32 -12.98 8.31
CA ARG A 55 6.93 -12.45 8.49
C ARG A 55 6.88 -11.61 9.80
N ARG A 56 6.86 -12.25 10.96
CA ARG A 56 6.83 -11.54 12.30
C ARG A 56 5.50 -10.80 12.55
N ARG A 57 5.11 -9.88 11.70
CA ARG A 57 3.84 -9.11 11.89
C ARG A 57 3.04 -8.99 10.57
N PRO A 58 1.74 -8.72 10.69
CA PRO A 58 0.85 -8.54 9.51
C PRO A 58 1.06 -7.16 8.84
N SER A 59 1.46 -6.12 9.59
CA SER A 59 1.69 -4.74 9.03
C SER A 59 0.35 -4.09 8.60
N GLN A 60 -0.17 -3.18 9.40
CA GLN A 60 -1.47 -2.51 9.08
C GLN A 60 -1.38 -0.97 9.32
N GLY A 61 -2.34 -0.23 8.79
CA GLY A 61 -2.35 1.27 8.97
C GLY A 61 -2.15 1.97 7.62
N GLY A 62 -3.21 2.11 6.85
CA GLY A 62 -3.11 2.80 5.50
C GLY A 62 -2.72 1.83 4.38
N GLN A 63 -1.93 0.79 4.64
CA GLN A 63 -1.55 -0.19 3.54
C GLN A 63 -2.81 -0.90 2.98
N THR A 64 -3.87 -0.89 3.74
CA THR A 64 -5.20 -1.48 3.34
C THR A 64 -6.01 -0.45 2.48
N HIS A 65 -5.55 0.81 2.33
CA HIS A 65 -6.28 1.82 1.50
C HIS A 65 -5.24 2.70 0.83
N GLN A 66 -4.67 3.67 1.56
CA GLN A 66 -3.66 4.59 0.94
C GLN A 66 -3.22 5.73 1.93
N ASP A 67 -3.01 5.43 3.19
CA ASP A 67 -2.64 6.49 4.20
C ASP A 67 -1.15 6.93 4.27
N PRO A 68 -0.17 6.06 4.03
CA PRO A 68 1.27 6.42 4.22
C PRO A 68 1.88 7.56 3.34
N ILE A 69 1.16 8.29 2.45
CA ILE A 69 1.77 9.46 1.64
C ILE A 69 2.98 10.14 2.35
N PRO A 70 4.01 10.51 1.59
CA PRO A 70 5.22 11.20 2.16
C PRO A 70 4.96 12.70 2.54
N LYS A 71 3.73 13.20 2.41
CA LYS A 71 3.38 14.63 2.77
C LYS A 71 1.88 14.94 2.48
N GLN A 72 0.97 14.10 2.95
CA GLN A 72 -0.51 14.37 2.72
C GLN A 72 -1.18 14.83 4.03
N PRO A 73 -2.17 15.72 3.93
CA PRO A 73 -2.94 16.16 5.12
C PRO A 73 -3.82 15.00 5.67
N SER A 74 -4.04 13.94 4.90
CA SER A 74 -4.85 12.77 5.37
C SER A 74 -4.35 11.46 4.70
N SER A 75 -4.68 11.23 3.44
CA SER A 75 -4.24 9.98 2.72
C SER A 75 -4.42 10.18 1.19
N GLN A 76 -3.82 9.32 0.37
CA GLN A 76 -3.92 9.40 -1.15
C GLN A 76 -5.28 9.96 -1.67
N PRO A 77 -5.24 10.79 -2.71
CA PRO A 77 -6.47 11.35 -3.32
C PRO A 77 -7.13 10.30 -4.27
N ARG A 78 -7.49 9.14 -3.74
CA ARG A 78 -8.13 8.06 -4.57
C ARG A 78 -9.64 7.92 -4.24
N GLY A 79 -10.00 8.04 -2.96
CA GLY A 79 -11.45 7.90 -2.56
C GLY A 79 -11.60 7.52 -1.08
N ASP A 80 -10.64 6.82 -0.49
CA ASP A 80 -10.74 6.42 0.95
C ASP A 80 -10.06 7.48 1.86
N PRO A 81 -10.83 8.13 2.74
CA PRO A 81 -10.29 9.15 3.68
C PRO A 81 -9.58 8.43 4.86
N THR A 82 -8.44 7.83 4.58
CA THR A 82 -7.63 7.07 5.58
C THR A 82 -6.90 7.97 6.59
N GLY A 83 -6.81 9.25 6.34
CA GLY A 83 -6.09 10.22 7.26
C GLY A 83 -6.44 9.98 8.75
N PRO A 84 -7.70 10.19 9.11
CA PRO A 84 -8.18 9.96 10.48
C PRO A 84 -8.86 8.57 10.46
N LYS A 85 -8.15 7.56 9.98
CA LYS A 85 -8.80 6.24 9.77
C LYS A 85 -7.80 5.06 9.77
N GLU A 86 -6.83 5.05 8.86
CA GLU A 86 -5.86 3.88 8.70
C GLU A 86 -6.57 2.65 8.09
N MET A 1 10.98 -2.87 5.75
CA MET A 1 11.82 -3.52 4.69
C MET A 1 11.02 -3.60 3.36
N ASP A 2 11.06 -4.73 2.63
CA ASP A 2 10.33 -4.89 1.32
C ASP A 2 11.06 -4.09 0.21
N PRO A 3 11.08 -4.65 -1.00
CA PRO A 3 11.75 -4.02 -2.17
C PRO A 3 10.90 -2.88 -2.76
N VAL A 4 11.20 -2.46 -4.00
CA VAL A 4 10.47 -1.33 -4.69
C VAL A 4 10.70 0.03 -3.97
N ASP A 5 11.58 0.06 -2.99
CA ASP A 5 11.88 1.31 -2.22
C ASP A 5 12.71 2.34 -3.04
N PRO A 6 13.54 1.94 -4.02
CA PRO A 6 14.20 2.94 -4.88
C PRO A 6 13.11 3.52 -5.86
N ASN A 7 11.92 2.90 -5.91
CA ASN A 7 10.81 3.35 -6.78
C ASN A 7 9.88 4.31 -6.04
N ILE A 8 9.11 3.75 -5.10
CA ILE A 8 8.08 4.47 -4.34
C ILE A 8 6.92 5.01 -5.21
N GLU A 9 7.11 5.36 -6.47
CA GLU A 9 5.95 5.81 -7.34
C GLU A 9 4.83 4.73 -7.31
N PRO A 10 5.16 3.46 -7.59
CA PRO A 10 4.18 2.36 -7.51
C PRO A 10 3.83 2.12 -6.03
N TRP A 11 4.79 2.31 -5.11
CA TRP A 11 4.52 2.16 -3.64
C TRP A 11 3.99 3.51 -3.04
N ASN A 12 3.24 4.32 -3.81
CA ASN A 12 2.71 5.63 -3.30
C ASN A 12 3.90 6.60 -3.10
N HIS A 13 4.30 7.27 -4.17
CA HIS A 13 5.49 8.22 -4.13
C HIS A 13 5.36 9.27 -2.98
N PRO A 14 4.23 9.99 -2.91
CA PRO A 14 4.02 11.04 -1.87
C PRO A 14 3.68 10.43 -0.48
N GLY A 15 3.89 11.18 0.58
CA GLY A 15 3.59 10.68 1.98
C GLY A 15 2.17 11.02 2.39
N SER A 16 1.17 10.42 1.72
CA SER A 16 -0.32 10.63 2.01
C SER A 16 -0.65 12.11 2.38
N GLN A 17 -0.54 12.49 3.66
CA GLN A 17 -0.82 13.90 4.12
C GLN A 17 -2.33 14.23 4.04
N PRO A 18 -2.72 15.34 4.68
CA PRO A 18 -4.14 15.80 4.72
C PRO A 18 -4.56 16.58 3.44
N LYS A 19 -3.62 17.15 2.68
CA LYS A 19 -4.02 17.93 1.44
C LYS A 19 -2.91 17.99 0.35
N THR A 20 -1.93 17.11 0.37
CA THR A 20 -0.86 17.13 -0.71
C THR A 20 -1.08 15.95 -1.66
N ALA A 21 -1.34 14.77 -1.13
CA ALA A 21 -1.57 13.55 -1.97
C ALA A 21 -2.92 12.90 -1.59
N CYS A 22 -3.16 12.69 -0.31
CA CYS A 22 -4.44 12.05 0.16
C CYS A 22 -5.12 12.95 1.23
N ASN A 23 -6.13 12.43 1.92
CA ASN A 23 -6.84 13.23 2.98
C ASN A 23 -7.75 12.31 3.83
N ARG A 24 -8.72 11.67 3.20
CA ARG A 24 -9.68 10.77 3.93
C ARG A 24 -10.37 9.84 2.92
N CYS A 25 -9.82 8.66 2.65
CA CYS A 25 -10.42 7.72 1.64
C CYS A 25 -10.52 6.28 2.19
N HIS A 26 -9.39 5.64 2.42
CA HIS A 26 -9.39 4.21 2.93
C HIS A 26 -9.68 4.12 4.46
N CYS A 27 -10.06 5.22 5.12
CA CYS A 27 -10.37 5.18 6.59
C CYS A 27 -11.70 4.41 6.81
N LYS A 28 -11.58 3.13 7.13
CA LYS A 28 -12.78 2.23 7.35
C LYS A 28 -12.31 0.79 7.72
N LYS A 29 -11.24 0.30 7.10
CA LYS A 29 -10.72 -1.08 7.42
C LYS A 29 -9.17 -1.10 7.28
N CYS A 30 -8.54 -2.21 7.64
CA CYS A 30 -7.05 -2.31 7.53
C CYS A 30 -6.65 -2.49 6.04
N CYS A 31 -6.63 -1.40 5.28
CA CYS A 31 -6.28 -1.48 3.81
C CYS A 31 -5.78 -0.11 3.27
N TYR A 32 -5.12 0.71 4.08
CA TYR A 32 -4.62 2.04 3.57
C TYR A 32 -3.36 1.87 2.68
N HIS A 33 -2.68 0.70 2.67
CA HIS A 33 -1.47 0.49 1.78
C HIS A 33 -1.85 0.80 0.32
N CYS A 34 -2.92 0.16 -0.21
CA CYS A 34 -3.45 0.41 -1.62
C CYS A 34 -2.39 0.27 -2.75
N GLN A 35 -1.30 0.99 -2.65
CA GLN A 35 -0.23 1.02 -3.68
C GLN A 35 0.90 0.00 -3.40
N VAL A 36 0.64 -1.08 -2.70
CA VAL A 36 1.76 -2.05 -2.40
C VAL A 36 2.14 -2.94 -3.63
N CYS A 37 2.25 -2.39 -4.84
CA CYS A 37 2.61 -3.22 -6.07
C CYS A 37 1.46 -4.21 -6.48
N PHE A 38 0.73 -4.78 -5.51
CA PHE A 38 -0.44 -5.75 -5.68
C PHE A 38 -0.22 -6.97 -6.65
N ILE A 39 0.36 -6.79 -7.83
CA ILE A 39 0.60 -7.94 -8.80
C ILE A 39 -0.76 -8.56 -9.21
N LYS A 40 -1.31 -9.50 -8.44
CA LYS A 40 -2.65 -10.12 -8.79
C LYS A 40 -3.07 -11.22 -7.78
N LYS A 41 -2.92 -11.00 -6.46
CA LYS A 41 -3.38 -12.06 -5.46
C LYS A 41 -3.64 -11.49 -4.05
N GLY A 42 -2.82 -10.58 -3.54
CA GLY A 42 -3.02 -10.05 -2.14
C GLY A 42 -2.05 -10.79 -1.21
N LEU A 43 -2.06 -12.14 -1.24
CA LEU A 43 -1.12 -13.04 -0.43
C LEU A 43 -0.44 -12.34 0.80
N GLY A 44 0.86 -12.58 1.01
CA GLY A 44 1.71 -11.98 2.06
C GLY A 44 1.08 -10.84 2.85
N ILE A 45 0.79 -9.76 2.15
CA ILE A 45 0.20 -8.55 2.78
C ILE A 45 -0.92 -7.96 1.87
N SER A 46 -0.66 -7.84 0.56
CA SER A 46 -1.65 -7.28 -0.43
C SER A 46 -1.00 -7.13 -1.83
N TYR A 47 -0.21 -8.10 -2.26
CA TYR A 47 0.49 -7.98 -3.59
C TYR A 47 1.08 -9.33 -4.11
N GLY A 48 2.37 -9.40 -4.43
CA GLY A 48 3.02 -10.66 -4.92
C GLY A 48 4.11 -11.05 -3.89
N ARG A 49 5.24 -11.56 -4.35
CA ARG A 49 6.40 -11.94 -3.43
C ARG A 49 6.06 -13.09 -2.45
N LYS A 50 5.25 -12.81 -1.45
CA LYS A 50 4.89 -13.82 -0.40
C LYS A 50 4.10 -15.01 -0.95
N LYS A 51 4.04 -16.09 -0.18
CA LYS A 51 3.29 -17.33 -0.60
C LYS A 51 2.35 -17.82 0.53
N ARG A 52 2.86 -17.93 1.75
CA ARG A 52 2.02 -18.41 2.91
C ARG A 52 2.04 -17.39 4.08
N ARG A 53 1.46 -17.77 5.22
CA ARG A 53 1.42 -16.86 6.43
C ARG A 53 2.80 -16.80 7.13
N GLN A 54 2.90 -16.10 8.25
CA GLN A 54 4.20 -15.99 9.00
C GLN A 54 4.01 -16.33 10.51
N ARG A 55 5.09 -16.29 11.28
CA ARG A 55 5.00 -16.58 12.77
C ARG A 55 4.78 -15.28 13.60
N ARG A 56 4.21 -14.24 13.01
CA ARG A 56 3.93 -12.94 13.74
C ARG A 56 5.26 -12.27 14.21
N ARG A 57 5.18 -11.31 15.11
CA ARG A 57 6.41 -10.59 15.63
C ARG A 57 6.00 -9.69 16.83
N PRO A 58 6.96 -9.27 17.65
CA PRO A 58 6.69 -8.39 18.84
C PRO A 58 6.49 -6.89 18.45
N SER A 59 5.78 -6.61 17.36
CA SER A 59 5.51 -5.20 16.89
C SER A 59 4.78 -5.28 15.51
N GLN A 60 3.59 -4.71 15.41
CA GLN A 60 2.78 -4.81 14.12
C GLN A 60 3.49 -4.10 12.94
N GLY A 61 3.47 -2.78 12.87
CA GLY A 61 4.11 -2.05 11.72
C GLY A 61 3.19 -2.05 10.50
N GLY A 62 3.19 -3.13 9.75
CA GLY A 62 2.31 -3.22 8.52
C GLY A 62 3.15 -3.56 7.29
N GLN A 63 2.53 -3.58 6.13
CA GLN A 63 3.28 -3.86 4.86
C GLN A 63 3.92 -2.54 4.40
N THR A 64 5.01 -2.18 5.08
CA THR A 64 5.77 -0.90 4.83
C THR A 64 4.92 0.28 5.33
N HIS A 65 5.53 1.28 5.91
CA HIS A 65 4.72 2.43 6.43
C HIS A 65 5.45 3.83 6.37
N GLN A 66 6.75 3.93 6.07
CA GLN A 66 7.38 5.28 6.06
C GLN A 66 8.60 5.37 5.09
N ASP A 67 8.47 6.13 4.02
CA ASP A 67 9.58 6.25 3.04
C ASP A 67 9.67 7.64 2.26
N PRO A 68 9.33 8.77 2.87
CA PRO A 68 9.49 10.12 2.23
C PRO A 68 10.99 10.56 2.16
N ILE A 69 11.92 9.62 2.00
CA ILE A 69 13.39 9.92 1.97
C ILE A 69 14.05 9.12 0.80
N PRO A 70 15.37 9.23 0.61
CA PRO A 70 16.08 8.47 -0.45
C PRO A 70 16.32 7.00 0.00
N LYS A 71 15.30 6.16 -0.13
CA LYS A 71 15.36 4.69 0.26
C LYS A 71 15.44 4.53 1.81
N GLN A 72 14.32 4.20 2.43
CA GLN A 72 14.26 4.02 3.92
C GLN A 72 13.95 2.53 4.24
N PRO A 73 14.53 1.99 5.31
CA PRO A 73 14.22 0.60 5.72
C PRO A 73 12.72 0.46 6.13
N SER A 74 11.99 1.57 6.35
CA SER A 74 10.52 1.48 6.67
C SER A 74 9.71 1.28 5.37
N SER A 75 10.00 2.03 4.28
CA SER A 75 9.27 1.82 2.95
C SER A 75 7.79 2.33 2.96
N GLN A 76 7.34 2.93 1.84
CA GLN A 76 5.93 3.53 1.62
C GLN A 76 5.33 4.23 2.88
N PRO A 77 5.11 5.54 2.83
CA PRO A 77 4.54 6.35 3.95
C PRO A 77 3.04 6.01 4.31
N ARG A 78 2.80 4.78 4.77
CA ARG A 78 1.43 4.30 5.18
C ARG A 78 1.49 3.20 6.31
N GLY A 79 1.08 3.50 7.56
CA GLY A 79 1.03 2.39 8.63
C GLY A 79 1.75 2.73 9.96
N ASP A 80 2.36 1.72 10.59
CA ASP A 80 3.08 1.87 11.92
C ASP A 80 4.63 1.72 11.74
N PRO A 81 5.43 2.54 12.45
CA PRO A 81 6.92 2.52 12.36
C PRO A 81 7.56 1.36 13.13
N THR A 82 8.34 0.54 12.45
CA THR A 82 9.01 -0.62 13.15
C THR A 82 10.45 -0.88 12.66
N GLY A 83 11.05 0.05 11.94
CA GLY A 83 12.48 -0.10 11.48
C GLY A 83 12.59 -0.70 10.05
N PRO A 84 13.39 -1.77 9.90
CA PRO A 84 13.63 -2.44 8.60
C PRO A 84 12.78 -3.73 8.55
N LYS A 85 11.53 -3.62 8.93
CA LYS A 85 10.65 -4.82 9.04
C LYS A 85 9.31 -4.68 8.30
N GLU A 86 8.83 -3.47 8.10
CA GLU A 86 7.53 -3.23 7.41
C GLU A 86 7.70 -3.34 5.89
N MET A 1 14.61 -5.29 5.73
CA MET A 1 14.66 -4.44 4.48
C MET A 1 14.02 -5.16 3.27
N ASP A 2 14.16 -6.49 3.17
CA ASP A 2 13.57 -7.29 2.04
C ASP A 2 14.23 -6.98 0.67
N PRO A 3 14.18 -7.94 -0.24
CA PRO A 3 14.76 -7.79 -1.60
C PRO A 3 13.79 -7.00 -2.52
N VAL A 4 13.51 -5.75 -2.19
CA VAL A 4 12.60 -4.92 -3.04
C VAL A 4 12.93 -3.42 -2.93
N ASP A 5 12.32 -2.77 -1.94
CA ASP A 5 12.41 -1.31 -1.69
C ASP A 5 11.03 -0.94 -1.05
N PRO A 6 10.93 0.24 -0.47
CA PRO A 6 9.60 0.77 -0.05
C PRO A 6 9.16 1.38 -1.40
N ASN A 7 8.91 0.49 -2.34
CA ASN A 7 8.81 0.87 -3.75
C ASN A 7 7.45 1.26 -4.38
N ILE A 8 7.02 0.40 -5.31
CA ILE A 8 5.95 0.69 -6.28
C ILE A 8 5.82 -0.58 -7.15
N GLU A 9 4.88 -0.66 -8.05
CA GLU A 9 4.77 -1.88 -8.93
C GLU A 9 4.78 -3.18 -8.00
N PRO A 10 5.54 -4.27 -8.29
CA PRO A 10 5.61 -5.43 -7.34
C PRO A 10 6.59 -5.18 -6.16
N TRP A 11 6.93 -3.91 -5.88
CA TRP A 11 7.88 -3.48 -4.79
C TRP A 11 9.37 -3.62 -5.21
N ASN A 12 9.69 -4.39 -6.26
CA ASN A 12 11.14 -4.53 -6.70
C ASN A 12 11.47 -3.58 -7.89
N HIS A 13 10.47 -2.94 -8.51
CA HIS A 13 10.70 -2.01 -9.69
C HIS A 13 11.03 -2.83 -10.96
N PRO A 14 10.21 -2.69 -12.00
CA PRO A 14 10.42 -3.42 -13.29
C PRO A 14 11.51 -2.73 -14.16
N GLY A 15 12.69 -2.50 -13.60
CA GLY A 15 13.81 -1.84 -14.38
C GLY A 15 14.73 -2.92 -14.96
N SER A 16 14.33 -3.54 -16.06
CA SER A 16 15.16 -4.62 -16.69
C SER A 16 15.31 -4.36 -18.22
N GLN A 17 14.21 -4.40 -18.95
CA GLN A 17 14.27 -4.16 -20.43
C GLN A 17 13.73 -2.75 -20.77
N PRO A 18 14.56 -1.90 -21.38
CA PRO A 18 14.16 -0.53 -21.75
C PRO A 18 13.24 -0.55 -22.99
N LYS A 19 11.96 -0.31 -22.81
CA LYS A 19 10.99 -0.34 -23.95
C LYS A 19 10.19 1.00 -24.03
N THR A 20 9.11 1.03 -24.80
CA THR A 20 8.28 2.28 -24.95
C THR A 20 7.27 2.46 -23.78
N ALA A 21 7.74 2.37 -22.53
CA ALA A 21 6.87 2.54 -21.30
C ALA A 21 5.74 1.48 -21.21
N CYS A 22 4.67 1.64 -21.99
CA CYS A 22 3.49 0.69 -21.99
C CYS A 22 2.66 0.83 -20.68
N ASN A 23 3.17 0.36 -19.54
CA ASN A 23 2.43 0.44 -18.23
C ASN A 23 1.00 -0.15 -18.35
N ARG A 24 0.88 -1.34 -18.93
CA ARG A 24 -0.48 -1.99 -19.09
C ARG A 24 -0.83 -2.79 -17.80
N CYS A 25 -0.85 -2.12 -16.67
CA CYS A 25 -1.17 -2.80 -15.36
C CYS A 25 -2.66 -2.61 -15.02
N HIS A 26 -3.36 -3.71 -14.77
CA HIS A 26 -4.82 -3.66 -14.43
C HIS A 26 -5.10 -4.61 -13.24
N CYS A 27 -5.30 -4.06 -12.06
CA CYS A 27 -5.57 -4.90 -10.83
C CYS A 27 -6.30 -4.06 -9.76
N LYS A 28 -7.17 -4.69 -8.98
CA LYS A 28 -7.93 -3.95 -7.91
C LYS A 28 -7.55 -4.49 -6.51
N LYS A 29 -7.49 -3.61 -5.53
CA LYS A 29 -7.12 -4.03 -4.13
C LYS A 29 -7.78 -3.07 -3.11
N CYS A 30 -9.10 -3.19 -2.93
CA CYS A 30 -9.88 -2.30 -1.98
C CYS A 30 -9.73 -0.81 -2.37
N CYS A 31 -8.86 -0.04 -1.73
CA CYS A 31 -8.67 1.41 -2.10
C CYS A 31 -7.29 1.57 -2.78
N TYR A 32 -7.14 0.96 -3.96
CA TYR A 32 -5.85 0.99 -4.75
C TYR A 32 -4.68 0.51 -3.84
N HIS A 33 -3.77 1.37 -3.40
CA HIS A 33 -2.65 0.92 -2.50
C HIS A 33 -3.21 0.54 -1.14
N CYS A 34 -3.25 1.46 -0.14
CA CYS A 34 -3.70 1.10 1.27
C CYS A 34 -2.63 0.13 1.85
N GLN A 35 -2.51 -1.04 1.26
CA GLN A 35 -1.50 -2.08 1.60
C GLN A 35 -0.36 -1.98 0.54
N VAL A 36 -0.74 -2.08 -0.74
CA VAL A 36 0.23 -2.02 -1.91
C VAL A 36 -0.52 -2.23 -3.26
N CYS A 37 -1.42 -3.21 -3.32
CA CYS A 37 -2.29 -3.48 -4.54
C CYS A 37 -1.64 -4.36 -5.64
N PHE A 38 -0.35 -4.26 -5.92
CA PHE A 38 0.23 -5.09 -7.04
C PHE A 38 0.41 -6.59 -6.68
N ILE A 39 0.37 -7.47 -7.71
CA ILE A 39 0.55 -8.98 -7.62
C ILE A 39 -0.71 -9.70 -8.12
N LYS A 40 -1.85 -8.99 -8.14
CA LYS A 40 -3.18 -9.55 -8.55
C LYS A 40 -3.88 -10.17 -7.30
N LYS A 41 -3.15 -10.99 -6.53
CA LYS A 41 -3.71 -11.65 -5.29
C LYS A 41 -3.38 -10.84 -4.01
N GLY A 42 -3.66 -11.40 -2.84
CA GLY A 42 -3.35 -10.73 -1.54
C GLY A 42 -2.11 -11.37 -0.87
N LEU A 43 -1.70 -12.59 -1.29
CA LEU A 43 -0.49 -13.34 -0.71
C LEU A 43 0.13 -12.63 0.52
N GLY A 44 1.18 -11.86 0.35
CA GLY A 44 1.77 -11.13 1.48
C GLY A 44 1.03 -9.79 1.60
N ILE A 45 -0.10 -9.80 2.32
CA ILE A 45 -1.03 -8.62 2.55
C ILE A 45 -1.72 -8.16 1.22
N SER A 46 -0.96 -7.94 0.14
CA SER A 46 -1.55 -7.54 -1.21
C SER A 46 -0.44 -7.43 -2.30
N TYR A 47 0.59 -8.25 -2.19
CA TYR A 47 1.76 -8.30 -3.15
C TYR A 47 2.83 -9.24 -2.53
N GLY A 48 4.02 -9.28 -3.11
CA GLY A 48 5.18 -10.11 -2.60
C GLY A 48 5.13 -10.38 -1.08
N ARG A 49 5.45 -9.40 -0.22
CA ARG A 49 5.43 -9.66 1.27
C ARG A 49 5.65 -8.39 2.15
N LYS A 50 4.58 -7.83 2.69
CA LYS A 50 4.69 -6.60 3.59
C LYS A 50 4.71 -7.02 5.09
N LYS A 51 4.15 -8.18 5.43
CA LYS A 51 4.12 -8.69 6.87
C LYS A 51 3.10 -7.87 7.72
N ARG A 52 3.15 -7.99 9.04
CA ARG A 52 2.20 -7.23 9.92
C ARG A 52 2.79 -5.81 10.19
N ARG A 53 3.37 -5.53 11.37
CA ARG A 53 3.96 -4.18 11.67
C ARG A 53 2.93 -3.05 11.35
N GLN A 54 1.94 -2.89 12.21
CA GLN A 54 0.86 -1.87 11.99
C GLN A 54 1.17 -0.47 12.62
N ARG A 55 2.20 -0.35 13.46
CA ARG A 55 2.51 0.98 14.09
C ARG A 55 3.17 1.91 13.05
N ARG A 56 2.38 2.74 12.41
CA ARG A 56 2.89 3.67 11.35
C ARG A 56 2.15 5.03 11.40
N ARG A 57 2.37 5.90 10.42
CA ARG A 57 1.72 7.27 10.37
C ARG A 57 0.16 7.17 10.38
N PRO A 58 -0.50 8.25 10.81
CA PRO A 58 -2.00 8.30 10.83
C PRO A 58 -2.58 8.58 9.42
N SER A 59 -3.91 8.67 9.32
CA SER A 59 -4.61 8.95 8.00
C SER A 59 -4.51 7.74 7.03
N GLN A 60 -4.96 7.91 5.78
CA GLN A 60 -4.91 6.79 4.77
C GLN A 60 -3.55 6.78 4.02
N GLY A 61 -2.44 6.73 4.75
CA GLY A 61 -1.08 6.71 4.10
C GLY A 61 -0.62 5.26 3.91
N GLY A 62 -0.31 4.87 2.69
CA GLY A 62 0.14 3.46 2.40
C GLY A 62 1.59 3.23 2.86
N GLN A 63 2.08 2.00 2.77
CA GLN A 63 3.50 1.72 3.15
C GLN A 63 4.34 2.09 1.92
N THR A 64 4.64 3.39 1.77
CA THR A 64 5.40 3.90 0.58
C THR A 64 4.72 3.38 -0.70
N HIS A 65 3.64 4.02 -1.09
CA HIS A 65 2.90 3.60 -2.32
C HIS A 65 3.72 3.94 -3.53
N GLN A 66 4.69 4.85 -3.39
CA GLN A 66 5.51 5.22 -4.56
C GLN A 66 6.61 6.24 -4.18
N ASP A 67 7.71 5.77 -3.64
CA ASP A 67 8.82 6.69 -3.24
C ASP A 67 10.07 6.59 -4.20
N PRO A 68 10.75 5.44 -4.31
CA PRO A 68 11.95 5.27 -5.21
C PRO A 68 11.56 5.09 -6.71
N ILE A 69 10.53 5.77 -7.15
CA ILE A 69 10.05 5.72 -8.58
C ILE A 69 11.17 6.20 -9.57
N PRO A 70 10.93 6.09 -10.88
CA PRO A 70 11.94 6.51 -11.90
C PRO A 70 12.05 8.07 -12.00
N LYS A 71 12.60 8.68 -10.96
CA LYS A 71 12.88 10.18 -10.88
C LYS A 71 11.62 11.07 -11.06
N GLN A 72 11.13 11.64 -9.97
CA GLN A 72 9.94 12.58 -10.04
C GLN A 72 9.91 13.48 -8.77
N PRO A 73 9.67 14.79 -8.94
CA PRO A 73 9.58 15.75 -7.80
C PRO A 73 8.19 15.63 -7.10
N SER A 74 7.92 14.46 -6.55
CA SER A 74 6.61 14.14 -5.85
C SER A 74 6.58 12.62 -5.63
N SER A 75 5.95 11.85 -6.50
CA SER A 75 5.91 10.36 -6.34
C SER A 75 5.51 9.70 -7.69
N GLN A 76 5.22 8.41 -7.71
CA GLN A 76 4.84 7.71 -8.99
C GLN A 76 3.59 8.39 -9.63
N PRO A 77 3.62 8.64 -10.94
CA PRO A 77 2.48 9.27 -11.65
C PRO A 77 1.32 8.24 -11.77
N ARG A 78 1.57 7.09 -12.37
CA ARG A 78 0.53 6.04 -12.47
C ARG A 78 0.56 5.21 -11.14
N GLY A 79 -0.25 5.60 -10.18
CA GLY A 79 -0.26 4.88 -8.85
C GLY A 79 -1.30 5.52 -7.92
N ASP A 80 -0.95 5.70 -6.66
CA ASP A 80 -1.88 6.34 -5.67
C ASP A 80 -1.85 7.89 -5.88
N PRO A 81 -2.93 8.60 -5.54
CA PRO A 81 -3.00 10.08 -5.71
C PRO A 81 -2.17 10.80 -4.62
N THR A 82 -0.86 10.71 -4.72
CA THR A 82 0.06 11.29 -3.70
C THR A 82 1.14 12.20 -4.37
N GLY A 83 2.31 12.28 -3.77
CA GLY A 83 3.44 13.13 -4.28
C GLY A 83 4.37 13.31 -3.07
N PRO A 84 4.05 14.25 -2.20
CA PRO A 84 4.77 14.46 -0.93
C PRO A 84 3.94 13.66 0.09
N LYS A 85 3.73 12.38 -0.18
CA LYS A 85 2.83 11.56 0.65
C LYS A 85 3.34 10.11 0.87
N GLU A 86 4.64 9.92 0.85
CA GLU A 86 5.29 8.57 1.13
C GLU A 86 4.58 7.38 0.40
N MET A 1 12.78 -11.93 5.89
CA MET A 1 13.28 -11.64 4.52
C MET A 1 12.11 -11.12 3.66
N ASP A 2 11.85 -9.83 3.74
CA ASP A 2 10.69 -9.23 3.02
C ASP A 2 11.19 -8.04 2.16
N PRO A 3 11.39 -8.28 0.86
CA PRO A 3 11.88 -7.24 -0.08
C PRO A 3 10.75 -6.26 -0.47
N VAL A 4 10.53 -5.27 0.36
CA VAL A 4 9.44 -4.26 0.12
C VAL A 4 9.79 -2.85 0.59
N ASP A 5 10.66 -2.71 1.56
CA ASP A 5 10.99 -1.38 2.13
C ASP A 5 11.49 -0.29 1.16
N PRO A 6 12.03 -0.61 -0.03
CA PRO A 6 12.36 0.44 -1.00
C PRO A 6 11.05 0.81 -1.80
N ASN A 7 9.88 0.47 -1.24
CA ASN A 7 8.58 0.74 -1.87
C ASN A 7 8.07 2.12 -1.50
N ILE A 8 7.76 2.24 -0.21
CA ILE A 8 7.00 3.41 0.33
C ILE A 8 7.27 4.74 -0.34
N GLU A 9 6.46 4.94 -1.36
CA GLU A 9 6.43 6.16 -2.19
C GLU A 9 5.03 6.20 -2.83
N PRO A 10 4.68 5.19 -3.65
CA PRO A 10 3.31 5.09 -4.17
C PRO A 10 2.39 4.69 -2.98
N TRP A 11 2.91 4.01 -1.94
CA TRP A 11 2.06 3.68 -0.76
C TRP A 11 1.94 4.92 0.15
N ASN A 12 3.04 5.57 0.53
CA ASN A 12 2.93 6.79 1.41
C ASN A 12 4.26 7.55 1.62
N HIS A 13 5.41 6.88 1.74
CA HIS A 13 6.72 7.61 2.01
C HIS A 13 6.65 8.18 3.48
N PRO A 14 7.55 9.09 3.92
CA PRO A 14 7.48 9.64 5.29
C PRO A 14 6.34 10.68 5.42
N GLY A 15 6.02 11.08 6.65
CA GLY A 15 4.94 12.11 6.88
C GLY A 15 5.25 13.43 6.13
N SER A 16 6.52 13.73 5.88
CA SER A 16 6.89 14.98 5.13
C SER A 16 6.54 14.88 3.62
N GLN A 17 6.17 13.71 3.11
CA GLN A 17 5.79 13.56 1.66
C GLN A 17 4.25 13.34 1.56
N PRO A 18 3.50 14.42 1.32
CA PRO A 18 2.02 14.35 1.20
C PRO A 18 1.55 13.80 -0.17
N LYS A 19 2.36 13.93 -1.22
CA LYS A 19 1.96 13.46 -2.61
C LYS A 19 0.77 14.30 -3.15
N THR A 20 0.66 15.57 -2.74
CA THR A 20 -0.46 16.45 -3.21
C THR A 20 -0.04 17.17 -4.52
N ALA A 21 -0.13 16.46 -5.63
CA ALA A 21 0.26 17.05 -6.96
C ALA A 21 -0.55 16.41 -8.13
N CYS A 22 -0.72 15.10 -8.13
CA CYS A 22 -1.48 14.41 -9.23
C CYS A 22 -2.97 14.81 -9.19
N ASN A 23 -3.34 15.80 -10.01
CA ASN A 23 -4.76 16.32 -10.08
C ASN A 23 -5.10 17.17 -8.83
N ARG A 24 -5.88 18.22 -9.02
CA ARG A 24 -6.31 19.09 -7.85
C ARG A 24 -7.57 18.48 -7.18
N CYS A 25 -7.45 17.28 -6.64
CA CYS A 25 -8.60 16.61 -5.96
C CYS A 25 -8.45 16.71 -4.44
N HIS A 26 -9.48 17.17 -3.75
CA HIS A 26 -9.41 17.32 -2.25
C HIS A 26 -10.23 16.19 -1.59
N CYS A 27 -9.64 15.01 -1.48
CA CYS A 27 -10.35 13.84 -0.83
C CYS A 27 -10.11 13.84 0.69
N LYS A 28 -11.01 13.24 1.45
CA LYS A 28 -10.87 13.20 2.94
C LYS A 28 -10.41 11.79 3.40
N LYS A 29 -9.14 11.46 3.17
CA LYS A 29 -8.55 10.12 3.58
C LYS A 29 -9.21 8.95 2.79
N CYS A 30 -8.45 8.32 1.91
CA CYS A 30 -8.99 7.17 1.10
C CYS A 30 -7.81 6.23 0.68
N CYS A 31 -7.69 5.84 -0.59
CA CYS A 31 -6.58 4.93 -1.09
C CYS A 31 -6.77 3.48 -0.59
N TYR A 32 -6.37 3.15 0.65
CA TYR A 32 -6.49 1.75 1.26
C TYR A 32 -6.00 0.63 0.28
N HIS A 33 -6.09 -0.64 0.66
CA HIS A 33 -5.61 -1.74 -0.25
C HIS A 33 -6.80 -2.42 -0.95
N CYS A 34 -6.87 -3.75 -1.06
CA CYS A 34 -7.99 -4.44 -1.82
C CYS A 34 -7.80 -4.19 -3.35
N GLN A 35 -7.72 -2.94 -3.75
CA GLN A 35 -7.52 -2.55 -5.19
C GLN A 35 -5.99 -2.27 -5.40
N VAL A 36 -5.52 -1.04 -5.14
CA VAL A 36 -4.04 -0.65 -5.28
C VAL A 36 -3.47 -0.77 -6.72
N CYS A 37 -3.66 -1.89 -7.42
CA CYS A 37 -3.08 -2.11 -8.80
C CYS A 37 -1.59 -2.48 -8.66
N PHE A 38 -1.33 -3.76 -8.51
CA PHE A 38 0.09 -4.26 -8.29
C PHE A 38 0.23 -5.70 -8.89
N ILE A 39 1.00 -6.59 -8.26
CA ILE A 39 1.17 -8.02 -8.76
C ILE A 39 -0.22 -8.76 -8.85
N LYS A 40 -1.24 -8.26 -8.14
CA LYS A 40 -2.64 -8.84 -8.16
C LYS A 40 -2.78 -10.16 -7.35
N LYS A 41 -2.72 -10.05 -6.03
CA LYS A 41 -2.91 -11.25 -5.12
C LYS A 41 -3.22 -10.83 -3.66
N GLY A 42 -3.50 -11.81 -2.82
CA GLY A 42 -3.79 -11.60 -1.35
C GLY A 42 -3.10 -12.77 -0.66
N LEU A 43 -2.04 -12.50 0.07
CA LEU A 43 -1.21 -13.62 0.64
C LEU A 43 -0.13 -13.12 1.60
N GLY A 44 0.62 -12.11 1.20
CA GLY A 44 1.70 -11.54 2.04
C GLY A 44 1.38 -10.12 2.48
N ILE A 45 0.09 -9.80 2.52
CA ILE A 45 -0.55 -8.45 2.81
C ILE A 45 -1.44 -8.11 1.59
N SER A 46 -1.12 -8.71 0.42
CA SER A 46 -1.80 -8.51 -0.92
C SER A 46 -0.69 -7.99 -1.87
N TYR A 47 0.20 -8.89 -2.27
CA TYR A 47 1.36 -8.52 -3.17
C TYR A 47 2.15 -9.78 -3.64
N GLY A 48 2.41 -10.76 -2.77
CA GLY A 48 3.19 -11.98 -3.18
C GLY A 48 3.96 -12.53 -1.96
N ARG A 49 5.23 -12.87 -2.21
CA ARG A 49 6.21 -13.43 -1.18
C ARG A 49 5.67 -13.58 0.28
N LYS A 50 5.14 -14.74 0.65
CA LYS A 50 4.64 -14.93 2.07
C LYS A 50 4.08 -16.36 2.32
N LYS A 51 4.81 -17.39 1.92
CA LYS A 51 4.36 -18.81 2.15
C LYS A 51 4.91 -19.31 3.53
N ARG A 52 4.45 -18.71 4.61
CA ARG A 52 4.94 -19.10 5.99
C ARG A 52 3.90 -19.97 6.71
N ARG A 53 4.21 -21.25 6.87
CA ARG A 53 3.27 -22.18 7.59
C ARG A 53 3.73 -22.27 9.07
N GLN A 54 3.47 -21.22 9.83
CA GLN A 54 3.90 -21.17 11.28
C GLN A 54 2.68 -20.81 12.17
N ARG A 55 2.91 -20.23 13.35
CA ARG A 55 1.77 -19.84 14.27
C ARG A 55 1.11 -18.54 13.73
N ARG A 56 0.39 -18.66 12.63
CA ARG A 56 -0.29 -17.47 12.00
C ARG A 56 -1.45 -17.93 11.08
N ARG A 57 -2.45 -17.09 10.89
CA ARG A 57 -3.61 -17.46 10.01
C ARG A 57 -4.16 -16.20 9.28
N PRO A 58 -4.79 -16.42 8.12
CA PRO A 58 -5.38 -15.33 7.30
C PRO A 58 -6.76 -14.91 7.90
N SER A 59 -6.81 -13.79 8.59
CA SER A 59 -8.10 -13.33 9.20
C SER A 59 -8.68 -12.14 8.40
N GLN A 60 -8.19 -10.93 8.60
CA GLN A 60 -8.72 -9.72 7.85
C GLN A 60 -7.83 -8.49 8.11
N GLY A 61 -7.71 -7.62 7.13
CA GLY A 61 -6.87 -6.37 7.29
C GLY A 61 -6.65 -5.69 5.92
N GLY A 62 -6.41 -4.39 5.91
CA GLY A 62 -6.20 -3.65 4.60
C GLY A 62 -4.70 -3.52 4.27
N GLN A 63 -3.91 -4.58 4.49
CA GLN A 63 -2.40 -4.50 4.28
C GLN A 63 -1.85 -3.35 5.15
N THR A 64 -2.56 -3.00 6.21
CA THR A 64 -2.22 -1.83 7.10
C THR A 64 -2.12 -0.47 6.34
N HIS A 65 -2.20 -0.44 4.98
CA HIS A 65 -2.15 0.83 4.19
C HIS A 65 -0.89 1.65 4.67
N GLN A 66 0.14 0.93 5.12
CA GLN A 66 1.37 1.53 5.72
C GLN A 66 2.28 0.36 6.17
N ASP A 67 3.30 -0.04 5.43
CA ASP A 67 4.06 -1.25 5.87
C ASP A 67 5.62 -1.23 5.64
N PRO A 68 6.12 -1.27 4.40
CA PRO A 68 7.61 -1.37 4.09
C PRO A 68 8.59 -0.33 4.74
N ILE A 69 8.48 -0.06 6.01
CA ILE A 69 9.42 0.89 6.72
C ILE A 69 10.46 0.05 7.57
N PRO A 70 11.51 0.69 8.10
CA PRO A 70 12.52 -0.02 8.95
C PRO A 70 11.99 -0.26 10.39
N LYS A 71 12.22 -1.46 10.95
CA LYS A 71 11.75 -1.83 12.34
C LYS A 71 10.23 -2.12 12.33
N GLN A 72 9.70 -2.83 13.33
CA GLN A 72 8.22 -3.15 13.34
C GLN A 72 7.48 -2.83 14.68
N PRO A 73 7.63 -1.62 15.24
CA PRO A 73 6.90 -1.20 16.47
C PRO A 73 5.57 -0.56 15.98
N SER A 74 4.62 -1.40 15.52
CA SER A 74 3.32 -0.91 14.87
C SER A 74 3.62 -0.80 13.36
N SER A 75 4.77 -0.23 13.01
CA SER A 75 5.22 -0.06 11.59
C SER A 75 5.57 -1.43 10.96
N GLN A 76 5.71 -1.47 9.63
CA GLN A 76 6.02 -2.75 8.88
C GLN A 76 5.28 -3.96 9.51
N PRO A 77 3.97 -3.88 9.63
CA PRO A 77 3.17 -4.95 10.23
C PRO A 77 2.77 -5.93 9.10
N ARG A 78 1.58 -6.50 9.14
CA ARG A 78 1.16 -7.47 8.08
C ARG A 78 -0.37 -7.71 8.17
N GLY A 79 -1.19 -6.66 8.35
CA GLY A 79 -2.68 -6.88 8.45
C GLY A 79 -3.50 -5.59 8.19
N ASP A 80 -3.83 -4.84 9.21
CA ASP A 80 -4.67 -3.58 9.06
C ASP A 80 -4.00 -2.40 9.83
N PRO A 81 -4.29 -1.14 9.45
CA PRO A 81 -3.72 0.04 10.14
C PRO A 81 -4.44 0.18 11.48
N THR A 82 -3.92 -0.51 12.49
CA THR A 82 -4.62 -0.54 13.86
C THR A 82 -3.87 -1.47 14.88
N GLY A 83 -2.77 -0.99 15.50
CA GLY A 83 -1.96 -1.85 16.46
C GLY A 83 -0.62 -2.09 15.76
N PRO A 84 -0.68 -2.84 14.67
CA PRO A 84 0.44 -3.09 13.74
C PRO A 84 0.02 -2.09 12.63
N LYS A 85 0.09 -0.83 12.98
CA LYS A 85 -0.53 0.23 12.15
C LYS A 85 0.38 1.25 11.49
N GLU A 86 1.48 1.70 12.10
CA GLU A 86 2.31 2.76 11.44
C GLU A 86 3.76 2.80 11.98
N MET A 1 13.04 -9.44 10.46
CA MET A 1 11.92 -9.28 9.48
C MET A 1 12.21 -8.12 8.51
N ASP A 2 11.53 -8.11 7.38
CA ASP A 2 11.73 -7.02 6.36
C ASP A 2 10.99 -5.74 6.81
N PRO A 3 11.70 -4.61 6.91
CA PRO A 3 11.12 -3.31 7.33
C PRO A 3 10.34 -2.67 6.16
N VAL A 4 9.09 -3.02 6.00
CA VAL A 4 8.24 -2.46 4.90
C VAL A 4 6.94 -1.84 5.39
N ASP A 5 6.58 -1.93 6.69
CA ASP A 5 5.26 -1.40 7.17
C ASP A 5 4.15 -2.31 6.56
N PRO A 6 2.93 -2.33 7.12
CA PRO A 6 1.86 -3.09 6.46
C PRO A 6 1.39 -2.27 5.23
N ASN A 7 1.92 -1.04 5.04
CA ASN A 7 1.54 -0.18 3.92
C ASN A 7 2.75 0.63 3.38
N ILE A 8 2.53 1.96 3.14
CA ILE A 8 3.52 2.87 2.63
C ILE A 8 3.79 2.50 1.17
N GLU A 9 3.45 3.42 0.26
CA GLU A 9 3.53 3.13 -1.21
C GLU A 9 2.38 2.10 -1.50
N PRO A 10 2.49 1.17 -2.47
CA PRO A 10 1.40 0.19 -2.68
C PRO A 10 1.48 -0.99 -1.66
N TRP A 11 1.33 -0.69 -0.36
CA TRP A 11 1.35 -1.74 0.73
C TRP A 11 2.78 -2.30 1.02
N ASN A 12 3.88 -1.65 0.62
CA ASN A 12 5.24 -2.28 0.87
C ASN A 12 6.42 -1.27 1.03
N HIS A 13 6.21 -0.15 1.70
CA HIS A 13 7.33 0.86 2.00
C HIS A 13 8.06 1.42 0.73
N PRO A 14 8.83 2.50 0.93
CA PRO A 14 9.64 3.11 -0.14
C PRO A 14 11.01 2.37 -0.21
N GLY A 15 11.90 2.59 0.76
CA GLY A 15 13.23 1.87 0.78
C GLY A 15 14.12 2.32 -0.39
N SER A 16 14.02 1.64 -1.52
CA SER A 16 14.87 2.00 -2.71
C SER A 16 14.00 2.12 -3.98
N GLN A 17 13.56 1.01 -4.58
CA GLN A 17 12.73 1.07 -5.83
C GLN A 17 11.53 0.07 -5.78
N PRO A 18 10.53 0.38 -4.96
CA PRO A 18 9.31 -0.49 -4.83
C PRO A 18 8.32 -0.23 -6.00
N LYS A 19 8.05 1.03 -6.30
CA LYS A 19 7.10 1.41 -7.38
C LYS A 19 7.54 2.78 -7.95
N THR A 20 7.81 2.85 -9.25
CA THR A 20 8.28 4.14 -9.89
C THR A 20 7.15 5.20 -9.92
N ALA A 21 5.99 4.87 -10.46
CA ALA A 21 4.85 5.87 -10.54
C ALA A 21 4.34 6.20 -9.12
N CYS A 22 4.57 7.41 -8.65
CA CYS A 22 4.12 7.83 -7.27
C CYS A 22 2.59 7.62 -7.10
N ASN A 23 1.78 8.27 -7.92
CA ASN A 23 0.28 8.10 -7.84
C ASN A 23 -0.40 8.72 -9.07
N ARG A 24 -1.40 8.04 -9.63
CA ARG A 24 -2.12 8.57 -10.82
C ARG A 24 -3.50 7.86 -10.98
N CYS A 25 -4.51 8.36 -10.30
CA CYS A 25 -5.89 7.75 -10.39
C CYS A 25 -6.71 8.47 -11.48
N HIS A 26 -7.53 7.72 -12.20
CA HIS A 26 -8.40 8.33 -13.29
C HIS A 26 -9.69 7.51 -13.46
N CYS A 27 -9.57 6.21 -13.73
CA CYS A 27 -10.77 5.33 -13.92
C CYS A 27 -10.80 4.22 -12.86
N LYS A 28 -11.92 4.10 -12.15
CA LYS A 28 -12.06 3.04 -11.09
C LYS A 28 -13.16 2.02 -11.53
N LYS A 29 -12.99 1.42 -12.69
CA LYS A 29 -13.99 0.43 -13.22
C LYS A 29 -13.79 -0.95 -12.55
N CYS A 30 -12.56 -1.44 -12.49
CA CYS A 30 -12.27 -2.78 -11.86
C CYS A 30 -10.85 -2.72 -11.24
N CYS A 31 -10.74 -2.27 -10.00
CA CYS A 31 -9.40 -2.16 -9.33
C CYS A 31 -9.34 -3.05 -8.08
N TYR A 32 -8.23 -3.73 -7.87
CA TYR A 32 -8.05 -4.62 -6.66
C TYR A 32 -7.45 -3.85 -5.46
N HIS A 33 -7.46 -2.51 -5.47
CA HIS A 33 -6.89 -1.73 -4.31
C HIS A 33 -7.78 -1.73 -3.08
N CYS A 34 -8.90 -2.46 -3.04
CA CYS A 34 -9.67 -2.59 -1.74
C CYS A 34 -8.66 -3.12 -0.67
N GLN A 35 -7.67 -3.90 -1.14
CA GLN A 35 -6.56 -4.44 -0.30
C GLN A 35 -5.26 -4.19 -1.13
N VAL A 36 -5.14 -2.98 -1.69
CA VAL A 36 -3.99 -2.54 -2.58
C VAL A 36 -3.94 -3.31 -3.94
N CYS A 37 -3.50 -2.64 -4.99
CA CYS A 37 -3.34 -3.25 -6.35
C CYS A 37 -1.83 -3.37 -6.58
N PHE A 38 -1.33 -4.50 -7.08
CA PHE A 38 0.17 -4.66 -7.16
C PHE A 38 0.65 -5.84 -8.04
N ILE A 39 0.08 -7.01 -7.88
CA ILE A 39 0.53 -8.24 -8.60
C ILE A 39 -0.70 -8.91 -9.25
N LYS A 40 -1.69 -9.28 -8.43
CA LYS A 40 -2.96 -9.96 -8.90
C LYS A 40 -3.65 -10.68 -7.71
N LYS A 41 -2.89 -11.16 -6.72
CA LYS A 41 -3.49 -11.89 -5.56
C LYS A 41 -3.72 -10.91 -4.36
N GLY A 42 -3.64 -11.42 -3.14
CA GLY A 42 -3.77 -10.62 -1.87
C GLY A 42 -2.97 -11.38 -0.79
N LEU A 43 -1.84 -11.93 -1.20
CA LEU A 43 -0.96 -12.75 -0.32
C LEU A 43 0.08 -11.87 0.37
N GLY A 44 0.67 -12.36 1.43
CA GLY A 44 1.74 -11.60 2.14
C GLY A 44 1.32 -10.15 2.37
N ILE A 45 0.12 -9.94 2.93
CA ILE A 45 -0.54 -8.59 3.16
C ILE A 45 -1.27 -8.11 1.88
N SER A 46 -0.82 -8.58 0.71
CA SER A 46 -1.32 -8.22 -0.66
C SER A 46 -0.12 -7.70 -1.48
N TYR A 47 0.85 -8.57 -1.76
CA TYR A 47 2.06 -8.20 -2.58
C TYR A 47 2.99 -9.42 -2.85
N GLY A 48 3.49 -10.14 -1.83
CA GLY A 48 4.37 -11.34 -2.14
C GLY A 48 5.31 -11.82 -1.03
N ARG A 49 5.12 -11.50 0.26
CA ARG A 49 6.10 -12.03 1.30
C ARG A 49 5.68 -11.72 2.76
N LYS A 50 5.57 -10.44 3.13
CA LYS A 50 5.19 -10.01 4.56
C LYS A 50 4.18 -10.97 5.21
N LYS A 51 4.49 -11.49 6.39
CA LYS A 51 3.55 -12.41 7.08
C LYS A 51 2.35 -11.59 7.61
N ARG A 52 1.23 -11.66 6.92
CA ARG A 52 0.01 -10.87 7.32
C ARG A 52 -0.67 -11.47 8.57
N ARG A 53 -0.09 -11.19 9.73
CA ARG A 53 -0.64 -11.69 11.03
C ARG A 53 -0.99 -10.46 11.91
N GLN A 54 -1.93 -9.66 11.45
CA GLN A 54 -2.34 -8.43 12.21
C GLN A 54 -3.77 -8.62 12.76
N ARG A 55 -4.77 -8.67 11.90
CA ARG A 55 -6.22 -8.87 12.33
C ARG A 55 -7.17 -8.71 11.13
N ARG A 56 -8.47 -8.89 11.35
CA ARG A 56 -9.47 -8.70 10.25
C ARG A 56 -9.59 -7.19 9.95
N ARG A 57 -9.63 -6.82 8.68
CA ARG A 57 -9.71 -5.36 8.31
C ARG A 57 -10.99 -4.68 8.88
N PRO A 58 -10.85 -3.41 9.25
CA PRO A 58 -11.97 -2.62 9.82
C PRO A 58 -12.94 -2.12 8.71
N SER A 59 -14.15 -1.73 9.08
CA SER A 59 -15.15 -1.24 8.06
C SER A 59 -14.57 -0.07 7.25
N GLN A 60 -14.07 0.97 7.90
CA GLN A 60 -13.46 2.14 7.17
C GLN A 60 -12.05 2.44 7.76
N GLY A 61 -11.33 3.38 7.16
CA GLY A 61 -9.94 3.73 7.62
C GLY A 61 -8.96 3.40 6.51
N GLY A 62 -9.00 4.14 5.41
CA GLY A 62 -8.11 3.88 4.22
C GLY A 62 -8.22 2.40 3.81
N GLN A 63 -7.11 1.65 3.81
CA GLN A 63 -7.11 0.17 3.42
C GLN A 63 -7.34 0.00 1.90
N THR A 64 -8.33 0.66 1.37
CA THR A 64 -8.63 0.65 -0.09
C THR A 64 -7.74 1.71 -0.84
N HIS A 65 -6.70 2.26 -0.17
CA HIS A 65 -5.77 3.26 -0.83
C HIS A 65 -4.45 3.33 -0.04
N GLN A 66 -4.49 3.69 1.25
CA GLN A 66 -3.24 3.81 2.10
C GLN A 66 -3.61 4.34 3.51
N ASP A 67 -3.42 3.56 4.56
CA ASP A 67 -3.79 4.02 5.94
C ASP A 67 -2.95 3.44 7.13
N PRO A 68 -2.74 2.09 7.26
CA PRO A 68 -1.99 1.51 8.43
C PRO A 68 -0.45 1.81 8.47
N ILE A 69 -0.05 2.97 8.02
CA ILE A 69 1.39 3.40 8.04
C ILE A 69 1.85 3.66 9.54
N PRO A 70 3.11 4.05 9.76
CA PRO A 70 3.62 4.25 11.14
C PRO A 70 3.05 5.50 11.85
N LYS A 71 2.21 5.25 12.86
CA LYS A 71 1.59 6.34 13.71
C LYS A 71 0.89 7.44 12.86
N GLN A 72 0.02 7.05 11.95
CA GLN A 72 -0.71 8.06 11.10
C GLN A 72 -2.04 7.45 10.58
N PRO A 73 -3.13 7.66 11.33
CA PRO A 73 -4.47 7.14 10.93
C PRO A 73 -5.14 8.02 9.83
N SER A 74 -4.47 9.05 9.33
CA SER A 74 -5.05 9.93 8.28
C SER A 74 -4.24 9.81 6.95
N SER A 75 -3.83 8.60 6.58
CA SER A 75 -3.06 8.34 5.30
C SER A 75 -1.65 9.01 5.31
N GLN A 76 -0.68 8.37 4.67
CA GLN A 76 0.71 8.93 4.56
C GLN A 76 0.85 9.65 3.19
N PRO A 77 1.62 10.74 3.12
CA PRO A 77 1.83 11.47 1.85
C PRO A 77 2.79 10.69 0.89
N ARG A 78 2.37 9.50 0.50
CA ARG A 78 3.18 8.64 -0.41
C ARG A 78 2.48 8.46 -1.79
N GLY A 79 1.16 8.58 -1.85
CA GLY A 79 0.42 8.43 -3.15
C GLY A 79 -1.03 8.88 -2.97
N ASP A 80 -1.81 8.12 -2.21
CA ASP A 80 -3.24 8.49 -1.98
C ASP A 80 -3.39 9.20 -0.60
N PRO A 81 -3.90 10.43 -0.60
CA PRO A 81 -4.11 11.24 0.65
C PRO A 81 -5.45 10.91 1.37
N THR A 82 -5.76 9.64 1.60
CA THR A 82 -7.05 9.23 2.29
C THR A 82 -7.03 9.56 3.82
N GLY A 83 -6.83 10.81 4.15
CA GLY A 83 -6.82 11.24 5.58
C GLY A 83 -8.19 11.79 5.94
N PRO A 84 -8.58 12.89 5.29
CA PRO A 84 -9.88 13.54 5.50
C PRO A 84 -10.78 13.22 4.28
N LYS A 85 -10.55 12.07 3.62
CA LYS A 85 -11.29 11.77 2.37
C LYS A 85 -11.77 10.30 2.23
N GLU A 86 -10.98 9.27 2.63
CA GLU A 86 -11.45 7.82 2.46
C GLU A 86 -11.79 7.53 0.97
N MET A 1 12.13 -5.30 -6.36
CA MET A 1 11.52 -5.47 -7.72
C MET A 1 10.40 -6.54 -7.69
N ASP A 2 9.50 -6.47 -8.66
CA ASP A 2 8.36 -7.46 -8.76
C ASP A 2 7.53 -7.47 -7.41
N PRO A 3 7.57 -8.51 -6.54
CA PRO A 3 6.80 -8.46 -5.27
C PRO A 3 7.54 -7.59 -4.23
N VAL A 4 7.07 -6.37 -4.03
CA VAL A 4 7.75 -5.45 -3.05
C VAL A 4 6.75 -4.54 -2.38
N ASP A 5 6.42 -4.78 -1.10
CA ASP A 5 5.51 -3.83 -0.36
C ASP A 5 4.21 -3.57 -1.19
N PRO A 6 3.38 -2.62 -0.80
CA PRO A 6 2.26 -2.23 -1.65
C PRO A 6 2.86 -1.23 -2.69
N ASN A 7 3.92 -0.50 -2.30
CA ASN A 7 4.61 0.45 -3.18
C ASN A 7 6.13 0.22 -3.19
N ILE A 8 6.91 1.31 -3.20
CA ILE A 8 8.37 1.23 -3.20
C ILE A 8 8.84 0.53 -4.48
N GLU A 9 8.08 0.74 -5.59
CA GLU A 9 8.37 0.17 -6.97
C GLU A 9 7.04 -0.09 -7.77
N PRO A 10 6.19 -1.06 -7.31
CA PRO A 10 4.93 -1.45 -8.01
C PRO A 10 3.83 -0.37 -8.00
N TRP A 11 3.41 0.14 -6.84
CA TRP A 11 2.33 1.22 -6.82
C TRP A 11 2.76 2.45 -7.67
N ASN A 12 4.08 2.64 -7.87
CA ASN A 12 4.73 3.79 -8.64
C ASN A 12 5.78 4.40 -7.68
N HIS A 13 7.00 3.89 -7.72
CA HIS A 13 8.12 4.34 -6.80
C HIS A 13 8.28 5.89 -6.70
N PRO A 14 8.30 6.62 -7.82
CA PRO A 14 8.47 8.10 -7.78
C PRO A 14 7.20 8.85 -7.30
N GLY A 15 6.02 8.44 -7.74
CA GLY A 15 4.74 9.13 -7.31
C GLY A 15 4.14 9.86 -8.50
N SER A 16 3.51 9.12 -9.40
CA SER A 16 2.88 9.75 -10.62
C SER A 16 1.50 10.36 -10.27
N GLN A 17 1.47 11.63 -9.91
CA GLN A 17 0.19 12.32 -9.55
C GLN A 17 0.01 13.62 -10.38
N PRO A 18 -0.34 13.48 -11.66
CA PRO A 18 -0.55 14.65 -12.56
C PRO A 18 -1.97 15.26 -12.36
N LYS A 19 -2.29 15.66 -11.13
CA LYS A 19 -3.65 16.25 -10.80
C LYS A 19 -4.77 15.22 -11.14
N THR A 20 -5.05 14.31 -10.24
CA THR A 20 -6.11 13.26 -10.48
C THR A 20 -7.51 13.92 -10.35
N ALA A 21 -8.03 14.43 -11.45
CA ALA A 21 -9.38 15.10 -11.44
C ALA A 21 -10.53 14.07 -11.33
N CYS A 22 -10.34 12.84 -11.81
CA CYS A 22 -11.42 11.79 -11.72
C CYS A 22 -11.24 10.96 -10.44
N ASN A 23 -10.17 10.16 -10.35
CA ASN A 23 -9.88 9.31 -9.13
C ASN A 23 -10.99 8.23 -8.95
N ARG A 24 -12.09 8.58 -8.28
CA ARG A 24 -13.23 7.62 -8.03
C ARG A 24 -14.30 8.35 -7.20
N CYS A 25 -13.89 8.90 -6.06
CA CYS A 25 -14.83 9.67 -5.17
C CYS A 25 -14.45 11.17 -5.22
N HIS A 26 -13.14 11.48 -5.20
CA HIS A 26 -12.66 12.91 -5.24
C HIS A 26 -13.25 13.76 -4.08
N CYS A 27 -13.22 13.23 -2.87
CA CYS A 27 -13.77 13.96 -1.67
C CYS A 27 -12.63 14.57 -0.82
N LYS A 28 -11.48 13.92 -0.73
CA LYS A 28 -10.33 14.45 0.09
C LYS A 28 -9.00 13.78 -0.35
N LYS A 29 -7.88 14.33 0.07
CA LYS A 29 -6.54 13.76 -0.32
C LYS A 29 -6.12 12.68 0.70
N CYS A 30 -6.46 11.44 0.43
CA CYS A 30 -6.09 10.29 1.35
C CYS A 30 -6.04 8.98 0.53
N CYS A 31 -5.12 8.08 0.84
CA CYS A 31 -5.00 6.79 0.08
C CYS A 31 -5.05 5.58 1.05
N TYR A 32 -6.16 4.87 1.05
CA TYR A 32 -6.32 3.65 1.94
C TYR A 32 -6.24 2.36 1.09
N HIS A 33 -6.01 1.20 1.73
CA HIS A 33 -5.92 -0.12 0.98
C HIS A 33 -7.04 -0.22 -0.07
N CYS A 34 -8.27 0.21 0.27
CA CYS A 34 -9.45 0.19 -0.70
C CYS A 34 -8.99 0.57 -2.12
N GLN A 35 -8.03 1.48 -2.21
CA GLN A 35 -7.42 1.86 -3.52
C GLN A 35 -6.24 0.89 -3.70
N VAL A 36 -6.43 -0.19 -4.43
CA VAL A 36 -5.32 -1.20 -4.57
C VAL A 36 -5.11 -1.68 -6.03
N CYS A 37 -3.85 -1.81 -6.41
CA CYS A 37 -3.44 -2.31 -7.76
C CYS A 37 -1.97 -2.77 -7.66
N PHE A 38 -1.74 -4.07 -7.69
CA PHE A 38 -0.34 -4.63 -7.53
C PHE A 38 -0.22 -6.01 -8.27
N ILE A 39 0.68 -6.88 -7.81
CA ILE A 39 0.91 -8.25 -8.41
C ILE A 39 -0.42 -8.89 -8.91
N LYS A 40 -1.23 -9.54 -8.05
CA LYS A 40 -2.52 -10.16 -8.55
C LYS A 40 -3.33 -10.97 -7.47
N LYS A 41 -2.84 -11.22 -6.26
CA LYS A 41 -3.65 -12.10 -5.31
C LYS A 41 -3.96 -11.51 -3.92
N GLY A 42 -3.07 -10.74 -3.34
CA GLY A 42 -3.28 -10.25 -1.93
C GLY A 42 -2.32 -11.05 -1.03
N LEU A 43 -2.07 -12.34 -1.39
CA LEU A 43 -1.08 -13.27 -0.68
C LEU A 43 -0.60 -12.73 0.70
N GLY A 44 0.67 -12.45 0.88
CA GLY A 44 1.15 -11.90 2.14
C GLY A 44 0.88 -10.40 2.18
N ILE A 45 -0.11 -10.01 2.97
CA ILE A 45 -0.56 -8.59 3.16
C ILE A 45 -1.28 -8.08 1.88
N SER A 46 -0.61 -8.02 0.74
CA SER A 46 -1.21 -7.55 -0.58
C SER A 46 -0.09 -7.30 -1.62
N TYR A 47 0.88 -8.19 -1.71
CA TYR A 47 2.00 -8.02 -2.71
C TYR A 47 2.85 -9.31 -2.84
N GLY A 48 3.19 -9.96 -1.73
CA GLY A 48 4.07 -11.18 -1.78
C GLY A 48 4.09 -11.87 -0.42
N ARG A 49 4.75 -11.27 0.57
CA ARG A 49 4.86 -11.94 1.92
C ARG A 49 5.38 -10.96 3.01
N LYS A 50 4.86 -11.07 4.23
CA LYS A 50 5.33 -10.16 5.34
C LYS A 50 5.00 -10.72 6.76
N LYS A 51 4.93 -12.05 6.91
CA LYS A 51 4.64 -12.69 8.25
C LYS A 51 3.32 -12.16 8.87
N ARG A 52 2.20 -12.76 8.50
CA ARG A 52 0.87 -12.33 9.06
C ARG A 52 0.59 -13.11 10.37
N ARG A 53 1.32 -12.80 11.43
CA ARG A 53 1.14 -13.52 12.73
C ARG A 53 0.63 -12.57 13.84
N GLN A 54 1.21 -11.40 14.00
CA GLN A 54 0.76 -10.46 15.10
C GLN A 54 1.20 -8.99 14.86
N ARG A 55 2.41 -8.75 14.37
CA ARG A 55 2.89 -7.33 14.15
C ARG A 55 2.14 -6.65 12.97
N ARG A 56 1.05 -5.95 13.30
CA ARG A 56 0.21 -5.22 12.27
C ARG A 56 -1.09 -4.69 12.92
N ARG A 57 -1.73 -3.71 12.32
CA ARG A 57 -3.02 -3.18 12.87
C ARG A 57 -4.22 -3.81 12.11
N PRO A 58 -5.30 -4.07 12.82
CA PRO A 58 -6.53 -4.67 12.23
C PRO A 58 -7.34 -3.61 11.43
N SER A 59 -6.79 -3.11 10.33
CA SER A 59 -7.50 -2.08 9.49
C SER A 59 -6.71 -1.83 8.19
N GLN A 60 -5.53 -1.25 8.29
CA GLN A 60 -4.69 -0.98 7.06
C GLN A 60 -3.55 -2.02 6.98
N GLY A 61 -3.76 -3.09 6.23
CA GLY A 61 -2.71 -4.17 6.12
C GLY A 61 -2.56 -4.70 4.69
N GLY A 62 -2.70 -3.84 3.68
CA GLY A 62 -2.54 -4.34 2.24
C GLY A 62 -1.91 -3.23 1.38
N GLN A 63 -2.68 -2.64 0.49
CA GLN A 63 -2.14 -1.50 -0.33
C GLN A 63 -2.15 -0.28 0.59
N THR A 64 -1.19 0.63 0.44
CA THR A 64 -1.13 1.84 1.36
C THR A 64 -1.31 1.36 2.82
N HIS A 65 -0.44 0.45 3.26
CA HIS A 65 -0.61 -0.14 4.63
C HIS A 65 0.59 0.15 5.59
N GLN A 66 1.79 0.38 5.06
CA GLN A 66 3.02 0.70 5.87
C GLN A 66 3.42 -0.46 6.80
N ASP A 67 4.17 -1.42 6.28
CA ASP A 67 4.60 -2.57 7.11
C ASP A 67 6.05 -3.04 6.75
N PRO A 68 6.35 -3.41 5.49
CA PRO A 68 7.71 -3.89 5.10
C PRO A 68 8.64 -2.76 4.55
N ILE A 69 8.33 -1.47 4.71
CA ILE A 69 9.25 -0.39 4.19
C ILE A 69 10.63 -0.46 4.93
N PRO A 70 11.64 0.30 4.49
CA PRO A 70 13.00 0.26 5.11
C PRO A 70 13.05 0.76 6.57
N LYS A 71 12.73 -0.14 7.50
CA LYS A 71 12.78 0.13 9.00
C LYS A 71 12.29 1.55 9.40
N GLN A 72 11.07 1.91 9.01
CA GLN A 72 10.53 3.27 9.38
C GLN A 72 8.98 3.22 9.55
N PRO A 73 8.46 4.05 10.45
CA PRO A 73 6.98 4.14 10.70
C PRO A 73 6.30 5.05 9.64
N SER A 74 6.63 4.87 8.37
CA SER A 74 6.05 5.70 7.26
C SER A 74 6.52 5.12 5.89
N SER A 75 6.53 5.90 4.83
CA SER A 75 6.91 5.43 3.45
C SER A 75 6.86 6.62 2.43
N GLN A 76 6.88 6.32 1.13
CA GLN A 76 6.82 7.40 0.08
C GLN A 76 5.39 8.04 0.04
N PRO A 77 5.27 9.25 -0.53
CA PRO A 77 3.96 9.97 -0.60
C PRO A 77 3.03 9.35 -1.69
N ARG A 78 2.62 8.12 -1.47
CA ARG A 78 1.75 7.40 -2.44
C ARG A 78 0.70 6.50 -1.70
N GLY A 79 0.43 6.75 -0.43
CA GLY A 79 -0.56 5.94 0.33
C GLY A 79 0.15 4.86 1.17
N ASP A 80 1.19 4.21 0.64
CA ASP A 80 1.98 3.13 1.38
C ASP A 80 2.08 3.46 2.90
N PRO A 81 2.50 4.66 3.28
CA PRO A 81 2.58 5.03 4.71
C PRO A 81 1.18 5.25 5.31
N THR A 82 0.94 4.70 6.47
CA THR A 82 -0.39 4.84 7.14
C THR A 82 -0.20 5.54 8.51
N GLY A 83 0.74 6.46 8.60
CA GLY A 83 0.99 7.21 9.88
C GLY A 83 0.71 8.70 9.65
N PRO A 84 1.75 9.53 9.60
CA PRO A 84 1.63 10.99 9.39
C PRO A 84 2.05 11.25 7.92
N LYS A 85 1.52 10.47 6.97
CA LYS A 85 2.02 10.59 5.59
C LYS A 85 0.95 10.18 4.54
N GLU A 86 0.82 8.88 4.24
CA GLU A 86 -0.17 8.39 3.19
C GLU A 86 0.22 8.97 1.79
N MET A 1 18.76 -12.30 5.57
CA MET A 1 18.30 -11.07 4.85
C MET A 1 16.76 -11.05 4.77
N ASP A 2 16.17 -9.87 4.68
CA ASP A 2 14.67 -9.77 4.61
C ASP A 2 14.19 -9.93 3.14
N PRO A 3 12.96 -10.42 2.94
CA PRO A 3 12.39 -10.63 1.59
C PRO A 3 11.87 -9.35 0.90
N VAL A 4 11.99 -8.21 1.53
CA VAL A 4 11.53 -6.90 0.94
C VAL A 4 12.28 -5.74 1.62
N ASP A 5 12.52 -4.71 0.83
CA ASP A 5 13.28 -3.46 1.24
C ASP A 5 13.92 -2.87 -0.05
N PRO A 6 14.63 -3.70 -0.84
CA PRO A 6 15.11 -3.25 -2.16
C PRO A 6 13.86 -3.15 -3.07
N ASN A 7 12.77 -3.87 -2.70
CA ASN A 7 11.48 -3.84 -3.40
C ASN A 7 10.92 -2.45 -3.55
N ILE A 8 10.71 -1.82 -2.40
CA ILE A 8 9.94 -0.54 -2.31
C ILE A 8 10.01 0.30 -3.58
N GLU A 9 9.03 0.02 -4.42
CA GLU A 9 8.85 0.64 -5.76
C GLU A 9 7.34 0.91 -5.92
N PRO A 10 6.50 -0.15 -5.94
CA PRO A 10 5.04 0.03 -6.00
C PRO A 10 4.54 0.69 -4.71
N TRP A 11 5.20 0.47 -3.55
CA TRP A 11 4.75 1.18 -2.32
C TRP A 11 5.67 2.39 -2.02
N ASN A 12 6.09 3.13 -3.06
CA ASN A 12 6.98 4.36 -2.91
C ASN A 12 8.46 3.96 -2.70
N HIS A 13 9.31 4.35 -3.62
CA HIS A 13 10.79 4.05 -3.51
C HIS A 13 11.49 5.10 -2.62
N PRO A 14 12.38 4.65 -1.73
CA PRO A 14 13.12 5.55 -0.81
C PRO A 14 14.28 6.25 -1.55
N GLY A 15 13.96 7.17 -2.46
CA GLY A 15 15.01 7.93 -3.22
C GLY A 15 14.37 8.93 -4.20
N SER A 16 13.35 9.66 -3.77
CA SER A 16 12.63 10.70 -4.61
C SER A 16 11.85 10.05 -5.80
N GLN A 17 12.52 9.41 -6.73
CA GLN A 17 11.82 8.78 -7.91
C GLN A 17 11.65 7.26 -7.68
N PRO A 18 10.49 6.72 -8.05
CA PRO A 18 10.20 5.27 -7.92
C PRO A 18 10.91 4.47 -9.04
N LYS A 19 10.74 4.87 -10.30
CA LYS A 19 11.40 4.16 -11.45
C LYS A 19 11.32 5.04 -12.72
N THR A 20 10.10 5.39 -13.15
CA THR A 20 9.95 6.23 -14.40
C THR A 20 8.94 7.37 -14.15
N ALA A 21 7.66 7.06 -13.96
CA ALA A 21 6.62 8.12 -13.73
C ALA A 21 5.42 7.57 -12.91
N CYS A 22 4.35 8.34 -12.76
CA CYS A 22 3.14 7.88 -11.99
C CYS A 22 2.05 7.36 -12.95
N ASN A 23 1.54 6.18 -12.69
CA ASN A 23 0.47 5.56 -13.57
C ASN A 23 -0.93 6.15 -13.27
N ARG A 24 -1.19 6.58 -12.03
CA ARG A 24 -2.54 7.15 -11.64
C ARG A 24 -3.63 6.03 -11.67
N CYS A 25 -4.91 6.38 -11.70
CA CYS A 25 -6.05 5.38 -11.71
C CYS A 25 -6.16 4.67 -10.34
N HIS A 26 -5.24 3.78 -10.02
CA HIS A 26 -5.26 3.06 -8.69
C HIS A 26 -3.87 3.18 -8.00
N CYS A 27 -3.30 4.38 -8.01
CA CYS A 27 -1.96 4.60 -7.34
C CYS A 27 -2.12 4.71 -5.80
N LYS A 28 -3.28 5.14 -5.32
CA LYS A 28 -3.51 5.29 -3.84
C LYS A 28 -5.02 5.12 -3.53
N LYS A 29 -5.86 6.05 -4.00
CA LYS A 29 -7.35 5.99 -3.75
C LYS A 29 -7.64 5.94 -2.21
N CYS A 30 -8.81 5.45 -1.79
CA CYS A 30 -9.13 5.39 -0.33
C CYS A 30 -9.75 4.00 0.02
N CYS A 31 -9.02 2.93 -0.21
CA CYS A 31 -9.55 1.55 0.08
C CYS A 31 -8.40 0.53 0.24
N TYR A 32 -7.75 0.53 1.39
CA TYR A 32 -6.62 -0.44 1.68
C TYR A 32 -5.47 -0.31 0.64
N HIS A 33 -4.57 -1.29 0.59
CA HIS A 33 -3.43 -1.24 -0.39
C HIS A 33 -3.82 -1.89 -1.75
N CYS A 34 -5.04 -2.44 -1.89
CA CYS A 34 -5.48 -3.01 -3.24
C CYS A 34 -5.18 -2.01 -4.39
N GLN A 35 -5.13 -0.72 -4.09
CA GLN A 35 -4.79 0.31 -5.13
C GLN A 35 -3.29 0.62 -5.03
N VAL A 36 -2.50 -0.08 -5.83
CA VAL A 36 -1.00 0.10 -5.80
C VAL A 36 -0.41 -0.28 -7.20
N CYS A 37 0.90 -0.20 -7.35
CA CYS A 37 1.54 -0.58 -8.65
C CYS A 37 1.81 -2.10 -8.66
N PHE A 38 1.26 -2.81 -9.63
CA PHE A 38 1.43 -4.32 -9.74
C PHE A 38 0.70 -5.05 -8.58
N ILE A 39 0.29 -6.28 -8.82
CA ILE A 39 -0.33 -7.13 -7.74
C ILE A 39 -0.75 -8.52 -8.29
N LYS A 40 -1.01 -9.46 -7.40
CA LYS A 40 -1.44 -10.83 -7.81
C LYS A 40 -2.67 -11.28 -6.98
N LYS A 41 -2.61 -11.17 -5.65
CA LYS A 41 -3.78 -11.56 -4.75
C LYS A 41 -3.55 -10.97 -3.32
N GLY A 42 -4.17 -11.55 -2.29
CA GLY A 42 -3.96 -11.05 -0.87
C GLY A 42 -2.63 -11.62 -0.31
N LEU A 43 -2.31 -12.89 -0.65
CA LEU A 43 -1.03 -13.61 -0.21
C LEU A 43 -0.11 -12.80 0.77
N GLY A 44 0.97 -12.22 0.28
CA GLY A 44 1.90 -11.42 1.08
C GLY A 44 1.24 -10.13 1.47
N ILE A 45 0.52 -10.09 2.58
CA ILE A 45 -0.23 -8.88 3.08
C ILE A 45 -1.38 -8.50 2.08
N SER A 46 -1.07 -8.36 0.79
CA SER A 46 -2.07 -8.03 -0.28
C SER A 46 -1.35 -7.76 -1.63
N TYR A 47 -0.28 -8.47 -1.93
CA TYR A 47 0.48 -8.28 -3.22
C TYR A 47 1.52 -9.40 -3.39
N GLY A 48 1.81 -9.78 -4.61
CA GLY A 48 2.78 -10.90 -4.92
C GLY A 48 4.21 -10.63 -4.44
N ARG A 49 4.46 -10.62 -3.13
CA ARG A 49 5.86 -10.35 -2.62
C ARG A 49 5.98 -10.45 -1.06
N LYS A 50 5.21 -11.30 -0.38
CA LYS A 50 5.31 -11.38 1.13
C LYS A 50 4.61 -12.68 1.67
N LYS A 51 4.32 -12.74 2.98
CA LYS A 51 3.64 -13.93 3.64
C LYS A 51 4.60 -15.12 3.84
N ARG A 52 4.89 -15.89 2.80
CA ARG A 52 5.79 -17.11 2.91
C ARG A 52 5.17 -18.12 3.92
N ARG A 53 5.51 -18.06 5.20
CA ARG A 53 4.93 -19.01 6.23
C ARG A 53 3.92 -18.27 7.12
N GLN A 54 4.27 -17.11 7.65
CA GLN A 54 3.34 -16.35 8.55
C GLN A 54 2.43 -15.39 7.74
N ARG A 55 1.21 -15.21 8.20
CA ARG A 55 0.24 -14.28 7.52
C ARG A 55 0.13 -12.95 8.32
N ARG A 56 -0.50 -11.95 7.74
CA ARG A 56 -0.67 -10.63 8.45
C ARG A 56 -2.12 -10.11 8.28
N ARG A 57 -2.40 -8.89 8.71
CA ARG A 57 -3.77 -8.32 8.59
C ARG A 57 -3.71 -6.87 8.00
N PRO A 58 -4.84 -6.38 7.48
CA PRO A 58 -4.93 -5.03 6.89
C PRO A 58 -5.01 -3.93 7.99
N SER A 59 -4.54 -2.75 7.66
CA SER A 59 -4.56 -1.60 8.62
C SER A 59 -5.44 -0.45 8.07
N GLN A 60 -5.63 0.61 8.86
CA GLN A 60 -6.48 1.78 8.41
C GLN A 60 -5.68 2.73 7.47
N GLY A 61 -6.22 3.91 7.19
CA GLY A 61 -5.54 4.89 6.27
C GLY A 61 -5.39 4.26 4.88
N GLY A 62 -4.20 4.28 4.32
CA GLY A 62 -3.96 3.64 2.98
C GLY A 62 -3.20 2.32 3.20
N GLN A 63 -3.57 1.57 4.25
CA GLN A 63 -2.87 0.28 4.60
C GLN A 63 -1.34 0.49 4.72
N THR A 64 -0.93 1.53 5.45
CA THR A 64 0.56 1.89 5.63
C THR A 64 1.17 2.51 4.37
N HIS A 65 0.85 2.00 3.17
CA HIS A 65 1.47 2.49 1.90
C HIS A 65 3.00 2.13 1.87
N GLN A 66 3.52 1.47 2.90
CA GLN A 66 4.95 1.09 2.93
C GLN A 66 5.11 -0.28 3.60
N ASP A 67 4.73 -1.30 2.90
CA ASP A 67 4.82 -2.69 3.42
C ASP A 67 6.10 -3.45 2.96
N PRO A 68 6.58 -3.29 1.70
CA PRO A 68 7.78 -4.03 1.20
C PRO A 68 9.14 -3.50 1.75
N ILE A 69 9.18 -3.09 2.99
CA ILE A 69 10.45 -2.62 3.64
C ILE A 69 11.07 -3.82 4.44
N PRO A 70 12.24 -3.64 5.06
CA PRO A 70 12.87 -4.71 5.88
C PRO A 70 12.16 -4.78 7.27
N LYS A 71 12.86 -5.06 8.36
CA LYS A 71 12.17 -5.09 9.71
C LYS A 71 12.07 -3.64 10.25
N GLN A 72 11.02 -2.93 9.86
CA GLN A 72 10.86 -1.49 10.32
C GLN A 72 9.37 -1.04 10.36
N PRO A 73 8.82 -0.93 11.57
CA PRO A 73 7.42 -0.47 11.77
C PRO A 73 7.30 1.09 11.73
N SER A 74 8.23 1.79 11.08
CA SER A 74 8.18 3.30 11.04
C SER A 74 7.63 3.82 9.69
N SER A 75 7.94 3.14 8.59
CA SER A 75 7.51 3.56 7.18
C SER A 75 8.58 4.52 6.59
N GLN A 76 8.64 4.62 5.26
CA GLN A 76 9.66 5.53 4.56
C GLN A 76 9.68 6.96 5.22
N PRO A 77 10.85 7.62 5.16
CA PRO A 77 11.05 8.95 5.73
C PRO A 77 10.37 10.01 4.84
N ARG A 78 9.26 10.49 5.33
CA ARG A 78 8.42 11.56 4.68
C ARG A 78 7.71 11.07 3.39
N GLY A 79 6.53 11.62 3.13
CA GLY A 79 5.72 11.22 1.92
C GLY A 79 4.38 10.65 2.39
N ASP A 80 3.88 9.63 1.71
CA ASP A 80 2.60 8.98 2.12
C ASP A 80 2.77 7.66 2.96
N PRO A 81 3.99 7.23 3.39
CA PRO A 81 4.15 5.99 4.20
C PRO A 81 3.72 6.24 5.65
N THR A 82 3.13 5.24 6.27
CA THR A 82 2.59 5.39 7.64
C THR A 82 2.79 4.09 8.48
N GLY A 83 3.83 4.02 9.32
CA GLY A 83 4.08 2.78 10.15
C GLY A 83 3.39 2.93 11.52
N PRO A 84 3.98 3.75 12.39
CA PRO A 84 3.43 4.05 13.74
C PRO A 84 2.67 5.36 13.51
N LYS A 85 1.71 5.30 12.62
CA LYS A 85 0.99 6.52 12.17
C LYS A 85 -0.27 6.10 11.37
N GLU A 86 -0.13 5.19 10.38
CA GLU A 86 -1.31 4.69 9.56
C GLU A 86 -1.85 5.75 8.56
N MET A 1 14.09 8.20 1.41
CA MET A 1 14.10 6.82 0.78
C MET A 1 12.71 6.19 0.91
N ASP A 2 12.32 5.77 2.13
CA ASP A 2 10.97 5.17 2.36
C ASP A 2 10.86 3.75 1.70
N PRO A 3 9.90 2.94 2.17
CA PRO A 3 9.70 1.56 1.70
C PRO A 3 8.67 1.45 0.54
N VAL A 4 8.24 0.21 0.28
CA VAL A 4 7.21 -0.16 -0.74
C VAL A 4 7.30 0.62 -2.07
N ASP A 5 6.40 1.58 -2.26
CA ASP A 5 6.28 2.35 -3.53
C ASP A 5 5.82 1.45 -4.75
N PRO A 6 5.09 0.29 -4.54
CA PRO A 6 4.57 -0.48 -5.67
C PRO A 6 3.13 0.03 -5.96
N ASN A 7 2.59 0.89 -5.09
CA ASN A 7 1.23 1.39 -5.24
C ASN A 7 1.14 2.35 -6.41
N ILE A 8 1.87 3.44 -6.27
CA ILE A 8 1.77 4.65 -7.16
C ILE A 8 1.74 4.36 -8.65
N GLU A 9 0.52 4.04 -9.11
CA GLU A 9 0.16 3.70 -10.53
C GLU A 9 -0.89 2.57 -10.52
N PRO A 10 -0.49 1.33 -10.18
CA PRO A 10 -1.44 0.19 -10.10
C PRO A 10 -2.43 0.40 -8.94
N TRP A 11 -1.99 1.01 -7.83
CA TRP A 11 -2.95 1.30 -6.72
C TRP A 11 -3.54 2.75 -6.91
N ASN A 12 -3.83 3.13 -8.17
CA ASN A 12 -4.46 4.48 -8.52
C ASN A 12 -3.46 5.64 -8.73
N HIS A 13 -2.33 5.74 -8.01
CA HIS A 13 -1.40 6.95 -8.20
C HIS A 13 -2.23 8.24 -7.80
N PRO A 14 -1.82 9.49 -8.14
CA PRO A 14 -2.64 10.69 -7.80
C PRO A 14 -3.86 10.88 -8.77
N GLY A 15 -4.14 9.94 -9.66
CA GLY A 15 -5.31 10.09 -10.61
C GLY A 15 -5.23 9.04 -11.74
N SER A 16 -4.08 8.93 -12.41
CA SER A 16 -3.89 7.94 -13.54
C SER A 16 -4.87 8.19 -14.73
N GLN A 17 -5.34 9.43 -14.90
CA GLN A 17 -6.29 9.80 -16.04
C GLN A 17 -7.65 9.03 -15.96
N PRO A 18 -8.69 9.68 -15.46
CA PRO A 18 -10.04 9.07 -15.36
C PRO A 18 -10.73 9.10 -16.75
N LYS A 19 -10.54 8.06 -17.54
CA LYS A 19 -11.15 8.01 -18.92
C LYS A 19 -12.48 7.21 -18.91
N THR A 20 -13.39 7.54 -18.00
CA THR A 20 -14.73 6.84 -17.93
C THR A 20 -15.72 7.69 -17.10
N ALA A 21 -16.81 8.12 -17.71
CA ALA A 21 -17.83 8.95 -16.98
C ALA A 21 -19.11 8.11 -16.71
N CYS A 22 -18.97 7.04 -15.94
CA CYS A 22 -20.15 6.15 -15.62
C CYS A 22 -20.83 6.55 -14.26
N ASN A 23 -20.51 7.71 -13.70
CA ASN A 23 -21.14 8.14 -12.40
C ASN A 23 -22.43 8.97 -12.65
N ARG A 24 -22.35 10.07 -13.40
CA ARG A 24 -23.54 10.96 -13.71
C ARG A 24 -23.99 11.72 -12.44
N CYS A 25 -24.61 11.05 -11.48
CA CYS A 25 -25.07 11.72 -10.20
C CYS A 25 -24.96 10.74 -9.02
N HIS A 26 -25.45 9.52 -9.15
CA HIS A 26 -25.37 8.51 -8.04
C HIS A 26 -23.99 7.78 -8.07
N CYS A 27 -23.53 7.28 -6.94
CA CYS A 27 -22.21 6.55 -6.86
C CYS A 27 -22.38 5.08 -7.29
N LYS A 28 -21.27 4.38 -7.46
CA LYS A 28 -21.31 2.94 -7.86
C LYS A 28 -20.46 2.08 -6.91
N LYS A 29 -20.80 0.82 -6.77
CA LYS A 29 -20.06 -0.13 -5.86
C LYS A 29 -18.65 -0.40 -6.44
N CYS A 30 -17.66 0.38 -6.02
CA CYS A 30 -16.25 0.21 -6.53
C CYS A 30 -15.54 -0.95 -5.78
N CYS A 31 -14.33 -1.30 -6.21
CA CYS A 31 -13.57 -2.43 -5.55
C CYS A 31 -12.36 -1.89 -4.76
N TYR A 32 -11.88 -2.65 -3.81
CA TYR A 32 -10.70 -2.23 -2.98
C TYR A 32 -9.45 -3.08 -3.41
N HIS A 33 -8.57 -3.46 -2.49
CA HIS A 33 -7.36 -4.28 -2.87
C HIS A 33 -7.78 -5.75 -3.20
N CYS A 34 -6.81 -6.67 -3.33
CA CYS A 34 -7.11 -8.12 -3.73
C CYS A 34 -7.46 -8.20 -5.26
N GLN A 35 -7.59 -7.07 -5.94
CA GLN A 35 -7.91 -7.03 -7.41
C GLN A 35 -7.08 -5.89 -8.08
N VAL A 36 -5.97 -5.46 -7.47
CA VAL A 36 -5.12 -4.34 -8.04
C VAL A 36 -4.19 -4.86 -9.19
N CYS A 37 -3.37 -4.01 -9.78
CA CYS A 37 -2.46 -4.45 -10.90
C CYS A 37 -1.16 -5.08 -10.37
N PHE A 38 -0.46 -4.43 -9.43
CA PHE A 38 0.82 -5.00 -8.88
C PHE A 38 0.46 -6.25 -8.04
N ILE A 39 0.92 -7.43 -8.45
CA ILE A 39 0.64 -8.74 -7.72
C ILE A 39 -0.88 -9.14 -7.76
N LYS A 40 -1.80 -8.21 -7.45
CA LYS A 40 -3.29 -8.47 -7.44
C LYS A 40 -3.73 -9.41 -6.29
N LYS A 41 -3.10 -10.58 -6.14
CA LYS A 41 -3.48 -11.58 -5.06
C LYS A 41 -3.35 -10.98 -3.63
N GLY A 42 -3.57 -11.80 -2.61
CA GLY A 42 -3.42 -11.33 -1.18
C GLY A 42 -2.27 -12.08 -0.46
N LEU A 43 -1.53 -12.98 -1.14
CA LEU A 43 -0.35 -13.79 -0.55
C LEU A 43 0.11 -13.27 0.85
N GLY A 44 1.06 -12.34 0.90
CA GLY A 44 1.51 -11.78 2.21
C GLY A 44 0.37 -10.95 2.79
N ILE A 45 -0.08 -10.00 2.02
CA ILE A 45 -1.25 -9.11 2.38
C ILE A 45 -1.95 -8.71 1.06
N SER A 46 -1.16 -8.30 0.05
CA SER A 46 -1.63 -7.90 -1.33
C SER A 46 -0.48 -7.08 -1.99
N TYR A 47 0.65 -7.72 -2.20
CA TYR A 47 1.85 -7.03 -2.77
C TYR A 47 2.95 -8.07 -3.10
N GLY A 48 4.19 -7.63 -3.25
CA GLY A 48 5.34 -8.58 -3.52
C GLY A 48 6.00 -8.99 -2.20
N ARG A 49 5.18 -9.39 -1.21
CA ARG A 49 5.65 -9.82 0.16
C ARG A 49 6.37 -8.71 1.01
N LYS A 50 6.76 -7.57 0.42
CA LYS A 50 7.51 -6.46 1.17
C LYS A 50 8.97 -6.87 1.51
N LYS A 51 9.39 -8.14 1.26
CA LYS A 51 10.79 -8.64 1.55
C LYS A 51 11.41 -8.00 2.82
N ARG A 52 10.64 -8.00 3.91
CA ARG A 52 11.13 -7.39 5.20
C ARG A 52 11.35 -8.48 6.31
N ARG A 53 10.95 -9.73 6.08
CA ARG A 53 11.14 -10.82 7.12
C ARG A 53 10.33 -10.48 8.40
N GLN A 54 10.68 -11.05 9.56
CA GLN A 54 9.96 -10.77 10.86
C GLN A 54 8.46 -11.19 10.78
N ARG A 55 7.55 -10.29 10.41
CA ARG A 55 6.08 -10.62 10.31
C ARG A 55 5.32 -9.52 9.54
N ARG A 56 5.52 -8.25 9.91
CA ARG A 56 4.84 -7.06 9.23
C ARG A 56 3.33 -7.00 9.59
N ARG A 57 2.70 -5.87 9.32
CA ARG A 57 1.24 -5.69 9.64
C ARG A 57 0.33 -6.40 8.59
N PRO A 58 -0.85 -6.82 9.02
CA PRO A 58 -1.83 -7.53 8.17
C PRO A 58 -2.58 -6.60 7.18
N SER A 59 -3.40 -5.68 7.68
CA SER A 59 -4.15 -4.76 6.76
C SER A 59 -4.54 -3.46 7.50
N GLN A 60 -4.48 -2.34 6.80
CA GLN A 60 -4.87 -1.03 7.41
C GLN A 60 -6.01 -0.45 6.56
N GLY A 61 -7.25 -0.67 6.99
CA GLY A 61 -8.44 -0.18 6.22
C GLY A 61 -8.79 -1.18 5.12
N GLY A 62 -8.71 -0.77 3.88
CA GLY A 62 -9.02 -1.69 2.71
C GLY A 62 -7.72 -2.29 2.16
N GLN A 63 -7.01 -3.06 2.98
CA GLN A 63 -5.69 -3.69 2.54
C GLN A 63 -4.71 -2.56 2.21
N THR A 64 -4.58 -1.60 3.13
CA THR A 64 -3.69 -0.39 2.95
C THR A 64 -4.20 0.48 1.81
N HIS A 65 -4.02 0.09 0.56
CA HIS A 65 -4.45 0.90 -0.63
C HIS A 65 -3.44 2.07 -0.74
N GLN A 66 -3.40 2.91 0.27
CA GLN A 66 -2.44 4.03 0.33
C GLN A 66 -1.02 3.46 0.52
N ASP A 67 -0.03 4.20 0.09
CA ASP A 67 1.36 3.76 0.20
C ASP A 67 2.21 5.02 0.47
N PRO A 68 3.27 4.89 1.22
CA PRO A 68 4.06 6.06 1.67
C PRO A 68 4.83 6.89 0.61
N ILE A 69 4.75 6.59 -0.70
CA ILE A 69 5.39 7.46 -1.79
C ILE A 69 6.79 8.08 -1.35
N PRO A 70 7.30 9.17 -1.98
CA PRO A 70 8.60 9.74 -1.55
C PRO A 70 8.45 10.71 -0.34
N LYS A 71 9.08 10.34 0.76
CA LYS A 71 9.12 11.15 2.06
C LYS A 71 7.87 10.90 2.93
N GLN A 72 7.27 9.71 2.84
CA GLN A 72 6.05 9.29 3.65
C GLN A 72 5.18 10.47 4.19
N PRO A 73 4.66 11.32 3.30
CA PRO A 73 3.78 12.45 3.69
C PRO A 73 2.34 11.94 3.89
N SER A 74 2.12 11.13 4.91
CA SER A 74 0.77 10.51 5.20
C SER A 74 0.39 9.45 4.09
N SER A 75 1.32 9.08 3.20
CA SER A 75 1.06 8.06 2.11
C SER A 75 0.16 8.65 0.98
N GLN A 76 0.23 8.04 -0.21
CA GLN A 76 -0.52 8.45 -1.47
C GLN A 76 -1.85 9.21 -1.15
N PRO A 77 -1.95 10.48 -1.53
CA PRO A 77 -3.17 11.29 -1.28
C PRO A 77 -4.32 10.84 -2.22
N ARG A 78 -4.86 9.66 -1.96
CA ARG A 78 -5.97 9.12 -2.81
C ARG A 78 -7.21 8.72 -1.97
N GLY A 79 -7.09 7.82 -1.01
CA GLY A 79 -8.30 7.40 -0.21
C GLY A 79 -7.95 6.96 1.22
N ASP A 80 -7.78 5.65 1.42
CA ASP A 80 -7.46 5.05 2.77
C ASP A 80 -6.45 5.91 3.59
N PRO A 81 -6.96 6.71 4.52
CA PRO A 81 -6.13 7.63 5.34
C PRO A 81 -5.31 6.94 6.48
N THR A 82 -4.89 5.71 6.32
CA THR A 82 -4.07 5.05 7.39
C THR A 82 -2.59 5.06 6.92
N GLY A 83 -2.03 6.26 6.83
CA GLY A 83 -0.60 6.47 6.34
C GLY A 83 0.56 5.73 7.10
N PRO A 84 0.42 5.34 8.37
CA PRO A 84 1.51 4.67 9.12
C PRO A 84 1.23 3.18 8.97
N LYS A 85 1.31 2.69 7.74
CA LYS A 85 0.92 1.30 7.47
C LYS A 85 1.86 0.57 6.46
N GLU A 86 2.27 1.20 5.36
CA GLU A 86 3.16 0.49 4.35
C GLU A 86 2.42 -0.75 3.77
#